data_7K2V
#
_entry.id   7K2V
#
loop_
_entity.id
_entity.type
_entity.pdbx_description
1 polymer '1-phosphatidylinositol 3-phosphate 5-kinase'
2 polymer '1-phosphatidylinositol 3-phosphate 5-kinase'
#
loop_
_entity_poly.entity_id
_entity_poly.type
_entity_poly.pdbx_seq_one_letter_code
_entity_poly.pdbx_strand_id
1 'polypeptide(L)'
;CRLYYAGEFHKMREVILDSSEEDFIRSLSHSSPWQARGGKSGAAFYATEDDRFILKQMPRLEVQSFLDFAPHYFNYITNA
VQQKRPTALAKILGVYRIGYKNSQNNTEKKLDLLVMENLFYGRKMAQVFDLKGSLRNRNVKTDTGKESCDVVLLDENLLK
MVRDNPLYIRSHSKAVLRTSIHSDSHFLSSHLIIDYSLLVGRDDTSNELVVGIIDYIRTFTWDKKLEMVVKSTGILGGQG
KMPTVVSPELYRTRFCEAMDKYFL
;
P
2 'polypeptide(L)'
;SSFQSTVDSDSADQKEYLISDTGGQQLSISDAFIKESLFNRRVEEKSKELPFTPLGWHHNNLELLREENGEKQAMERLLS
ANHNHMMALLQQLLHSDSLSSSWRDIIVSLVCQVVQTVRPDVKNQDDDMDIRQFVHIKKIPGGKKFDSVVVNGFVCTKNI
AHKKMSSCIKNPKILLLKCSIEYLYREETKFTCIDPIVLQEREFLKNYVQRIVDVRPTLVLVEKTVSRIAQDMLLEHGIT
LVINVKSQVLERISRMTQGDLVMSMDQLLTKPHLGTCHKFYMQIFQLPNEQTKTLMFFEGCPQHLGCTIKLRGGSDYELA
RVKEILIFMICVAYHSQLEISFLMDEFAMPPTLMQNPSFHSLIEGRGHEGAVQEQYGGGSIPWDPDIPPESLPCDDSSLL
ELRIVFEKGEQENKNLPQAVASVKHQEHSTTACPAGLPCAFFAPVPESLLPLP
;
A
#
# COMPACT_ATOMS: atom_id res chain seq x y z
N CYS A 1 15.46 -5.95 57.82
CA CYS A 1 15.34 -5.51 56.42
C CYS A 1 14.23 -4.52 56.29
N ARG A 2 14.19 -3.80 55.15
CA ARG A 2 13.13 -2.85 54.96
C ARG A 2 12.48 -3.14 53.65
N LEU A 3 11.14 -3.12 53.63
CA LEU A 3 10.44 -3.33 52.39
C LEU A 3 9.70 -2.07 52.08
N TYR A 4 9.77 -1.62 50.82
CA TYR A 4 9.13 -0.40 50.44
C TYR A 4 7.75 -0.72 49.94
N TYR A 5 6.74 0.04 50.42
CA TYR A 5 5.37 -0.06 49.98
C TYR A 5 4.94 -1.48 49.85
N ALA A 6 4.83 -2.19 51.00
CA ALA A 6 4.50 -3.58 50.95
C ALA A 6 3.16 -3.77 50.32
N GLY A 7 2.17 -2.91 50.67
CA GLY A 7 0.83 -3.09 50.18
C GLY A 7 0.76 -2.93 48.69
N GLU A 8 1.45 -1.92 48.14
CA GLU A 8 1.34 -1.65 46.74
C GLU A 8 1.91 -2.79 45.95
N PHE A 9 3.05 -3.34 46.40
CA PHE A 9 3.69 -4.42 45.70
C PHE A 9 2.82 -5.63 45.74
N HIS A 10 2.19 -5.89 46.90
CA HIS A 10 1.37 -7.06 47.01
C HIS A 10 0.30 -6.94 45.99
N LYS A 11 -0.27 -5.74 45.84
CA LYS A 11 -1.30 -5.55 44.86
C LYS A 11 -0.71 -5.76 43.51
N MET A 12 0.50 -5.25 43.26
CA MET A 12 1.09 -5.37 41.95
C MET A 12 1.26 -6.81 41.63
N ARG A 13 1.68 -7.63 42.62
CA ARG A 13 1.93 -9.01 42.31
C ARG A 13 0.65 -9.64 41.85
N GLU A 14 -0.43 -9.50 42.63
CA GLU A 14 -1.64 -10.15 42.23
C GLU A 14 -2.16 -9.52 40.99
N VAL A 15 -2.18 -8.17 40.96
CA VAL A 15 -2.83 -7.50 39.88
C VAL A 15 -2.26 -7.85 38.57
N ILE A 16 -1.10 -7.27 38.23
CA ILE A 16 -0.58 -7.52 36.94
C ILE A 16 -0.06 -8.89 36.85
N LEU A 17 0.72 -9.26 37.86
CA LEU A 17 1.37 -10.52 37.78
C LEU A 17 0.44 -11.66 37.93
N ASP A 18 -0.56 -11.53 38.82
CA ASP A 18 -1.35 -12.69 39.08
C ASP A 18 -0.41 -13.72 39.60
N SER A 19 0.59 -13.25 40.37
CA SER A 19 1.55 -14.14 40.95
C SER A 19 1.08 -14.43 42.34
N SER A 20 1.01 -15.72 42.71
CA SER A 20 0.58 -16.07 44.04
C SER A 20 1.69 -15.68 44.95
N GLU A 21 1.34 -15.18 46.14
CA GLU A 21 2.32 -14.73 47.09
C GLU A 21 3.15 -15.90 47.51
N GLU A 22 2.49 -17.06 47.72
CA GLU A 22 3.19 -18.22 48.18
C GLU A 22 4.19 -18.63 47.15
N ASP A 23 3.79 -18.57 45.86
CA ASP A 23 4.68 -18.97 44.81
C ASP A 23 5.85 -18.05 44.82
N PHE A 24 5.60 -16.75 45.03
CA PHE A 24 6.65 -15.79 45.01
C PHE A 24 7.63 -16.12 46.10
N ILE A 25 7.12 -16.39 47.31
CA ILE A 25 7.97 -16.65 48.43
C ILE A 25 8.77 -17.89 48.18
N ARG A 26 8.12 -18.93 47.63
CA ARG A 26 8.75 -20.21 47.44
C ARG A 26 9.91 -20.06 46.50
N SER A 27 9.72 -19.32 45.39
CA SER A 27 10.77 -19.19 44.43
C SER A 27 11.97 -18.59 45.05
N LEU A 28 11.79 -17.47 45.77
CA LEU A 28 12.90 -16.79 46.38
C LEU A 28 13.46 -17.53 47.57
N SER A 29 12.58 -17.89 48.51
CA SER A 29 12.98 -18.47 49.77
C SER A 29 13.47 -19.88 49.70
N HIS A 30 12.71 -20.76 49.02
CA HIS A 30 13.01 -22.17 49.11
C HIS A 30 14.36 -22.53 48.58
N SER A 31 14.72 -22.09 47.37
CA SER A 31 16.01 -22.50 46.88
C SER A 31 16.86 -21.27 46.74
N SER A 32 18.15 -21.41 47.05
CA SER A 32 19.01 -20.27 46.99
C SER A 32 19.04 -19.80 45.58
N PRO A 33 19.00 -18.51 45.41
CA PRO A 33 19.01 -17.96 44.09
C PRO A 33 20.36 -18.10 43.47
N TRP A 34 20.42 -18.24 42.14
CA TRP A 34 21.67 -18.39 41.44
C TRP A 34 22.06 -17.04 40.96
N GLN A 35 23.38 -16.76 40.95
CA GLN A 35 23.82 -15.46 40.52
C GLN A 35 24.04 -15.49 39.05
N ALA A 36 23.92 -14.31 38.41
CA ALA A 36 24.19 -14.20 37.00
C ALA A 36 25.21 -13.13 36.90
N ARG A 37 26.26 -13.31 36.07
CA ARG A 37 27.18 -12.24 35.98
C ARG A 37 26.41 -11.14 35.33
N GLY A 38 26.51 -9.92 35.88
CA GLY A 38 25.75 -8.85 35.33
C GLY A 38 26.63 -8.15 34.36
N GLY A 39 26.56 -6.82 34.32
CA GLY A 39 27.39 -6.10 33.41
C GLY A 39 28.72 -5.98 34.06
N LYS A 40 29.47 -4.92 33.70
CA LYS A 40 30.77 -4.72 34.23
C LYS A 40 30.62 -4.58 35.71
N SER A 41 29.48 -4.00 36.14
CA SER A 41 29.25 -3.74 37.52
C SER A 41 29.45 -5.02 38.31
N GLY A 42 29.67 -5.00 39.67
CA GLY A 42 29.76 -3.97 40.69
C GLY A 42 28.44 -3.96 41.38
N ALA A 43 27.37 -4.33 40.64
CA ALA A 43 26.05 -4.45 41.18
C ALA A 43 25.69 -5.87 40.92
N ALA A 44 25.01 -6.52 41.89
CA ALA A 44 24.70 -7.91 41.75
C ALA A 44 23.50 -8.08 40.87
N PHE A 45 23.42 -9.25 40.18
CA PHE A 45 22.31 -9.60 39.36
C PHE A 45 22.02 -11.03 39.73
N TYR A 46 20.76 -11.35 40.08
CA TYR A 46 20.48 -12.69 40.53
C TYR A 46 19.26 -13.19 39.84
N ALA A 47 19.03 -14.51 39.95
CA ALA A 47 17.85 -15.12 39.41
C ALA A 47 17.45 -16.18 40.37
N THR A 48 16.14 -16.47 40.45
CA THR A 48 15.66 -17.48 41.35
C THR A 48 16.02 -18.80 40.75
N GLU A 49 15.89 -19.88 41.54
CA GLU A 49 16.29 -21.18 41.07
C GLU A 49 15.44 -21.52 39.88
N ASP A 50 14.14 -21.22 39.96
CA ASP A 50 13.19 -21.50 38.92
C ASP A 50 13.41 -20.59 37.74
N ASP A 51 14.17 -19.49 37.92
CA ASP A 51 14.50 -18.57 36.86
C ASP A 51 13.31 -17.76 36.46
N ARG A 52 12.25 -17.80 37.29
CA ARG A 52 11.07 -17.01 37.07
C ARG A 52 11.32 -15.57 37.44
N PHE A 53 12.13 -15.32 38.50
CA PHE A 53 12.27 -13.98 38.98
C PHE A 53 13.71 -13.56 38.93
N ILE A 54 13.95 -12.24 38.69
CA ILE A 54 15.27 -11.69 38.63
C ILE A 54 15.42 -10.74 39.77
N LEU A 55 16.56 -10.81 40.48
CA LEU A 55 16.78 -9.90 41.56
C LEU A 55 17.94 -9.04 41.17
N LYS A 56 17.73 -7.72 41.10
CA LYS A 56 18.80 -6.85 40.72
C LYS A 56 19.11 -5.95 41.87
N GLN A 57 20.33 -5.36 41.87
CA GLN A 57 20.70 -4.44 42.91
C GLN A 57 20.55 -3.07 42.30
N MET A 58 20.04 -2.10 43.09
CA MET A 58 19.80 -0.79 42.55
C MET A 58 20.45 0.21 43.46
N PRO A 59 20.75 1.34 42.89
CA PRO A 59 21.33 2.41 43.64
C PRO A 59 20.28 3.14 44.40
N ARG A 60 20.69 3.99 45.38
CA ARG A 60 19.76 4.72 46.18
C ARG A 60 18.94 5.60 45.28
N LEU A 61 19.57 6.18 44.25
CA LEU A 61 18.86 7.08 43.38
C LEU A 61 17.74 6.35 42.69
N GLU A 62 18.05 5.17 42.12
CA GLU A 62 17.08 4.42 41.35
C GLU A 62 15.95 4.04 42.25
N VAL A 63 16.24 3.64 43.49
CA VAL A 63 15.19 3.17 44.34
C VAL A 63 14.23 4.29 44.58
N GLN A 64 14.76 5.51 44.77
CA GLN A 64 13.93 6.65 45.05
C GLN A 64 13.07 6.90 43.85
N SER A 65 13.65 6.73 42.65
CA SER A 65 12.92 6.99 41.44
C SER A 65 11.73 6.08 41.39
N PHE A 66 11.93 4.81 41.78
CA PHE A 66 10.87 3.84 41.74
C PHE A 66 9.73 4.34 42.56
N LEU A 67 10.01 4.89 43.75
CA LEU A 67 8.96 5.35 44.59
C LEU A 67 8.19 6.44 43.92
N ASP A 68 8.89 7.36 43.24
CA ASP A 68 8.20 8.46 42.64
C ASP A 68 7.25 7.94 41.60
N PHE A 69 7.70 6.99 40.77
CA PHE A 69 6.90 6.53 39.66
C PHE A 69 5.81 5.59 40.08
N ALA A 70 5.92 4.96 41.26
CA ALA A 70 5.03 3.89 41.63
C ALA A 70 3.59 4.27 41.49
N PRO A 71 3.13 5.43 41.86
CA PRO A 71 1.73 5.71 41.68
C PRO A 71 1.28 5.71 40.25
N HIS A 72 2.10 6.25 39.33
CA HIS A 72 1.75 6.30 37.93
C HIS A 72 1.78 4.92 37.38
N TYR A 73 2.81 4.15 37.78
CA TYR A 73 3.04 2.83 37.32
C TYR A 73 1.87 2.00 37.70
N PHE A 74 1.37 2.20 38.93
CA PHE A 74 0.24 1.46 39.39
C PHE A 74 -0.95 1.77 38.55
N ASN A 75 -1.17 3.07 38.25
CA ASN A 75 -2.31 3.51 37.50
C ASN A 75 -2.23 2.91 36.13
N TYR A 76 -1.00 2.84 35.57
CA TYR A 76 -0.81 2.34 34.26
C TYR A 76 -1.24 0.91 34.26
N ILE A 77 -0.89 0.21 35.35
CA ILE A 77 -1.19 -1.18 35.54
C ILE A 77 -2.66 -1.36 35.44
N THR A 78 -3.45 -0.53 36.14
CA THR A 78 -4.86 -0.75 36.13
C THR A 78 -5.39 -0.60 34.75
N ASN A 79 -4.95 0.45 34.03
CA ASN A 79 -5.46 0.64 32.69
C ASN A 79 -5.02 -0.53 31.88
N ALA A 80 -3.73 -0.90 32.01
CA ALA A 80 -3.26 -2.02 31.27
C ALA A 80 -1.88 -2.32 31.77
N VAL A 81 -1.58 -3.59 32.16
CA VAL A 81 -0.28 -4.15 32.47
C VAL A 81 -0.49 -5.65 32.28
N GLN A 82 0.40 -6.57 32.71
CA GLN A 82 0.27 -7.94 32.28
C GLN A 82 -1.07 -8.56 32.57
N GLN A 83 -1.56 -8.58 33.83
CA GLN A 83 -2.87 -9.14 33.94
C GLN A 83 -3.85 -8.17 33.38
N LYS A 84 -3.60 -6.86 33.58
CA LYS A 84 -4.50 -5.88 33.04
C LYS A 84 -4.22 -5.88 31.59
N ARG A 85 -4.08 -4.71 30.94
CA ARG A 85 -3.80 -4.97 29.58
C ARG A 85 -2.33 -4.97 29.37
N PRO A 86 -1.88 -6.09 28.89
CA PRO A 86 -0.47 -6.41 28.86
C PRO A 86 0.45 -5.30 28.48
N THR A 87 1.40 -4.98 29.39
CA THR A 87 2.33 -3.94 29.12
C THR A 87 3.68 -4.56 29.02
N ALA A 88 4.49 -4.01 28.12
CA ALA A 88 5.83 -4.40 27.86
C ALA A 88 6.66 -4.04 29.04
N LEU A 89 6.22 -3.05 29.84
CA LEU A 89 6.96 -2.54 30.96
C LEU A 89 7.29 -3.64 31.92
N ALA A 90 8.39 -3.44 32.67
CA ALA A 90 8.86 -4.40 33.63
C ALA A 90 7.83 -4.51 34.70
N LYS A 91 7.65 -5.75 35.22
CA LYS A 91 6.71 -5.94 36.28
C LYS A 91 7.48 -5.97 37.55
N ILE A 92 7.22 -4.98 38.43
CA ILE A 92 7.98 -4.88 39.65
C ILE A 92 7.23 -5.57 40.73
N LEU A 93 7.78 -6.71 41.18
CA LEU A 93 7.23 -7.51 42.24
C LEU A 93 7.49 -6.92 43.59
N GLY A 94 8.71 -6.39 43.84
CA GLY A 94 8.98 -5.90 45.16
C GLY A 94 10.29 -5.18 45.19
N VAL A 95 10.45 -4.29 46.19
CA VAL A 95 11.67 -3.55 46.37
C VAL A 95 12.05 -3.70 47.81
N TYR A 96 13.33 -4.03 48.09
CA TYR A 96 13.72 -4.25 49.45
C TYR A 96 15.06 -3.61 49.66
N ARG A 97 15.44 -3.43 50.95
CA ARG A 97 16.73 -2.91 51.26
C ARG A 97 17.27 -3.74 52.38
N ILE A 98 18.48 -4.28 52.21
CA ILE A 98 19.04 -5.07 53.26
C ILE A 98 20.32 -4.42 53.65
N GLY A 99 20.45 -4.10 54.95
CA GLY A 99 21.66 -3.55 55.46
C GLY A 99 21.77 -4.16 56.80
N TYR A 100 22.79 -5.02 57.00
CA TYR A 100 22.76 -5.64 58.28
C TYR A 100 24.11 -5.49 58.89
N LYS A 101 24.11 -5.21 60.22
CA LYS A 101 25.32 -5.04 60.99
C LYS A 101 26.03 -6.34 61.11
N ASN A 102 25.29 -7.47 61.08
CA ASN A 102 25.90 -8.76 61.28
C ASN A 102 27.01 -8.91 60.29
N SER A 103 27.92 -9.86 60.58
CA SER A 103 29.12 -10.05 59.83
C SER A 103 28.81 -10.39 58.40
N GLN A 104 27.74 -11.16 58.15
CA GLN A 104 27.51 -11.57 56.79
C GLN A 104 27.32 -10.36 55.92
N ASN A 105 26.47 -9.41 56.37
CA ASN A 105 26.27 -8.25 55.55
C ASN A 105 27.27 -7.23 55.97
N ASN A 106 27.53 -6.24 55.09
CA ASN A 106 28.43 -5.21 55.49
C ASN A 106 27.73 -4.47 56.57
N THR A 107 28.48 -4.05 57.60
CA THR A 107 27.84 -3.38 58.69
C THR A 107 27.52 -1.98 58.26
N GLU A 108 26.34 -1.50 58.68
CA GLU A 108 25.95 -0.15 58.40
C GLU A 108 26.04 0.09 56.93
N LYS A 109 25.75 -0.95 56.11
CA LYS A 109 25.78 -0.72 54.70
C LYS A 109 24.41 -1.02 54.19
N LYS A 110 23.99 -0.29 53.14
CA LYS A 110 22.66 -0.53 52.64
C LYS A 110 22.75 -1.09 51.26
N LEU A 111 22.09 -2.26 51.07
CA LEU A 111 22.02 -2.87 49.78
C LEU A 111 20.58 -2.79 49.40
N ASP A 112 20.28 -2.22 48.21
CA ASP A 112 18.92 -2.10 47.80
C ASP A 112 18.73 -3.07 46.67
N LEU A 113 17.57 -3.75 46.62
CA LEU A 113 17.33 -4.67 45.55
C LEU A 113 15.92 -4.56 45.06
N LEU A 114 15.72 -4.85 43.76
CA LEU A 114 14.44 -4.82 43.12
C LEU A 114 14.18 -6.18 42.56
N VAL A 115 12.98 -6.74 42.84
CA VAL A 115 12.66 -8.05 42.33
C VAL A 115 11.69 -7.84 41.20
N MET A 116 11.89 -8.57 40.09
CA MET A 116 11.03 -8.37 38.94
C MET A 116 10.98 -9.63 38.16
N GLU A 117 10.03 -9.69 37.20
CA GLU A 117 9.91 -10.87 36.39
C GLU A 117 11.09 -10.91 35.48
N ASN A 118 11.34 -12.06 34.82
CA ASN A 118 12.41 -12.08 33.88
C ASN A 118 11.80 -12.37 32.53
N LEU A 119 12.11 -11.52 31.54
CA LEU A 119 11.49 -11.61 30.25
C LEU A 119 11.84 -12.93 29.65
N PHE A 120 13.13 -13.29 29.64
CA PHE A 120 13.47 -14.58 29.12
C PHE A 120 12.92 -15.50 30.15
N TYR A 121 12.85 -16.79 29.85
CA TYR A 121 12.34 -17.68 30.84
C TYR A 121 13.44 -18.62 31.12
N GLY A 122 13.18 -19.56 32.03
CA GLY A 122 14.20 -20.50 32.37
C GLY A 122 14.48 -21.39 31.21
N ARG A 123 13.45 -21.70 30.41
CA ARG A 123 13.62 -22.73 29.43
C ARG A 123 14.79 -22.49 28.49
N LYS A 124 14.78 -21.42 27.64
CA LYS A 124 15.92 -21.20 26.78
C LYS A 124 15.62 -20.14 25.76
N MET A 125 16.66 -19.40 25.34
CA MET A 125 16.49 -18.40 24.31
C MET A 125 17.66 -18.54 23.37
N ALA A 126 17.38 -18.84 22.09
CA ALA A 126 18.43 -19.05 21.13
C ALA A 126 19.18 -17.79 20.86
N GLN A 127 18.47 -16.66 20.63
CA GLN A 127 19.16 -15.44 20.29
C GLN A 127 18.59 -14.35 21.14
N VAL A 128 19.42 -13.33 21.46
CA VAL A 128 18.94 -12.25 22.29
C VAL A 128 19.31 -10.95 21.65
N PHE A 129 18.52 -9.89 21.92
CA PHE A 129 18.79 -8.59 21.36
C PHE A 129 18.50 -7.55 22.41
N ASP A 130 19.20 -6.40 22.34
CA ASP A 130 18.97 -5.28 23.22
C ASP A 130 18.79 -4.10 22.31
N LEU A 131 17.54 -3.73 21.99
CA LEU A 131 17.31 -2.72 20.99
C LEU A 131 16.92 -1.40 21.59
N LYS A 132 17.84 -0.43 21.53
CA LYS A 132 17.65 0.93 21.96
C LYS A 132 16.86 1.71 20.96
N GLY A 133 17.16 1.53 19.65
CA GLY A 133 16.51 2.26 18.60
C GLY A 133 17.29 3.53 18.37
N SER A 134 18.36 3.75 19.17
CA SER A 134 19.09 4.98 19.09
C SER A 134 19.93 5.02 17.87
N LEU A 135 20.28 6.25 17.47
CA LEU A 135 21.10 6.42 16.33
C LEU A 135 22.42 5.89 16.71
N ARG A 136 23.16 5.40 15.69
CA ARG A 136 24.37 4.66 15.85
C ARG A 136 25.28 5.25 16.88
N ASN A 137 25.84 4.33 17.68
CA ASN A 137 26.77 4.53 18.73
C ASN A 137 27.11 3.13 19.13
N ARG A 138 26.82 2.78 20.39
CA ARG A 138 27.04 1.43 20.83
C ARG A 138 25.92 0.65 20.26
N ASN A 139 25.97 0.43 18.94
CA ASN A 139 24.90 -0.33 18.39
C ASN A 139 25.43 -1.68 18.08
N VAL A 140 26.41 -2.16 18.86
CA VAL A 140 26.98 -3.45 18.64
C VAL A 140 27.64 -3.86 19.92
N LYS A 141 27.88 -5.18 20.10
CA LYS A 141 28.62 -5.56 21.28
C LYS A 141 29.86 -6.29 20.86
N THR A 142 31.05 -5.67 21.07
CA THR A 142 32.28 -6.32 20.70
C THR A 142 32.63 -7.48 21.60
N ASP A 143 32.71 -7.25 22.93
CA ASP A 143 33.13 -8.28 23.84
C ASP A 143 32.09 -9.35 23.84
N THR A 144 30.82 -8.96 23.91
CA THR A 144 29.80 -9.98 23.94
C THR A 144 29.82 -10.56 22.57
N GLY A 145 29.52 -11.85 22.43
CA GLY A 145 29.66 -12.47 21.16
C GLY A 145 30.88 -13.30 21.33
N LYS A 146 31.74 -12.86 22.26
CA LYS A 146 32.91 -13.61 22.60
C LYS A 146 32.38 -14.87 23.19
N GLU A 147 31.33 -14.73 24.01
CA GLU A 147 30.77 -15.88 24.62
C GLU A 147 30.21 -16.72 23.52
N SER A 148 30.53 -18.02 23.55
CA SER A 148 29.97 -18.92 22.60
C SER A 148 28.53 -18.99 22.97
N CYS A 149 28.26 -18.62 24.23
CA CYS A 149 26.95 -18.62 24.79
C CYS A 149 26.20 -17.50 24.17
N ASP A 150 24.95 -17.31 24.63
CA ASP A 150 24.06 -16.34 24.07
C ASP A 150 24.64 -14.96 24.22
N VAL A 151 24.81 -14.27 23.08
CA VAL A 151 25.31 -12.93 23.01
C VAL A 151 24.14 -12.01 23.05
N VAL A 152 24.30 -10.81 23.67
CA VAL A 152 23.23 -9.87 23.66
C VAL A 152 23.52 -8.97 22.50
N LEU A 153 22.87 -9.27 21.36
CA LEU A 153 23.06 -8.59 20.11
C LEU A 153 22.41 -7.24 20.21
N LEU A 154 22.97 -6.22 19.51
CA LEU A 154 22.48 -4.86 19.61
C LEU A 154 21.92 -4.40 18.29
N ASP A 155 21.49 -3.13 18.22
CA ASP A 155 20.76 -2.64 17.08
C ASP A 155 21.47 -2.90 15.79
N GLU A 156 22.74 -2.51 15.66
CA GLU A 156 23.42 -2.65 14.39
C GLU A 156 23.49 -4.10 14.05
N ASN A 157 23.75 -4.94 15.05
CA ASN A 157 23.86 -6.36 14.82
C ASN A 157 22.54 -6.86 14.34
N LEU A 158 21.43 -6.36 14.91
CA LEU A 158 20.12 -6.79 14.52
C LEU A 158 19.95 -6.40 13.10
N LEU A 159 20.35 -5.16 12.77
CA LEU A 159 20.17 -4.70 11.42
C LEU A 159 21.00 -5.51 10.47
N LYS A 160 22.30 -5.73 10.74
CA LYS A 160 23.09 -6.52 9.81
C LYS A 160 22.91 -8.02 9.91
N MET A 161 23.14 -8.59 11.11
CA MET A 161 23.11 -10.02 11.30
C MET A 161 21.74 -10.58 11.15
N VAL A 162 20.80 -10.07 11.96
CA VAL A 162 19.49 -10.57 11.79
C VAL A 162 18.87 -9.52 10.98
N ARG A 163 19.58 -9.24 9.88
CA ARG A 163 19.21 -8.24 8.96
C ARG A 163 18.06 -8.77 8.26
N ASP A 164 17.30 -7.84 7.65
CA ASP A 164 16.05 -8.13 7.02
C ASP A 164 15.39 -8.97 8.04
N ASN A 165 15.48 -8.46 9.29
CA ASN A 165 15.16 -9.09 10.51
C ASN A 165 13.90 -9.83 10.28
N PRO A 166 14.09 -11.09 10.52
CA PRO A 166 13.09 -12.06 10.25
C PRO A 166 11.91 -12.05 11.16
N LEU A 167 11.87 -11.19 12.19
CA LEU A 167 10.76 -11.31 13.10
C LEU A 167 9.45 -11.09 12.43
N TYR A 168 8.77 -12.20 12.11
CA TYR A 168 7.49 -12.12 11.48
C TYR A 168 6.50 -12.50 12.52
N ILE A 169 5.63 -11.54 12.83
CA ILE A 169 4.58 -11.71 13.77
C ILE A 169 3.33 -11.55 12.95
N ARG A 170 2.25 -12.23 13.34
CA ARG A 170 1.05 -12.18 12.57
C ARG A 170 0.58 -10.76 12.52
N SER A 171 -0.28 -10.44 11.54
CA SER A 171 -0.79 -9.11 11.34
C SER A 171 -1.62 -8.74 12.52
N HIS A 172 -2.39 -9.71 13.06
CA HIS A 172 -3.24 -9.43 14.19
C HIS A 172 -2.37 -9.09 15.35
N SER A 173 -1.29 -9.86 15.53
CA SER A 173 -0.41 -9.67 16.66
C SER A 173 0.34 -8.39 16.52
N LYS A 174 0.70 -7.98 15.28
CA LYS A 174 1.48 -6.79 15.15
C LYS A 174 0.72 -5.64 15.71
N ALA A 175 -0.60 -5.60 15.43
CA ALA A 175 -1.40 -4.49 15.87
C ALA A 175 -1.37 -4.42 17.36
N VAL A 176 -1.55 -5.56 18.05
CA VAL A 176 -1.61 -5.53 19.48
C VAL A 176 -0.31 -5.07 20.06
N LEU A 177 0.83 -5.57 19.52
CA LEU A 177 2.09 -5.18 20.10
C LEU A 177 2.33 -3.71 19.92
N ARG A 178 2.12 -3.20 18.69
CA ARG A 178 2.44 -1.84 18.39
C ARG A 178 1.60 -0.94 19.25
N THR A 179 0.33 -1.30 19.46
CA THR A 179 -0.53 -0.44 20.23
C THR A 179 -0.02 -0.36 21.64
N SER A 180 0.41 -1.50 22.21
CA SER A 180 0.88 -1.53 23.57
C SER A 180 2.19 -0.82 23.68
N ILE A 181 3.00 -0.85 22.61
CA ILE A 181 4.27 -0.19 22.62
C ILE A 181 4.03 1.28 22.70
N HIS A 182 3.05 1.77 21.91
CA HIS A 182 2.80 3.18 21.83
C HIS A 182 2.45 3.69 23.18
N SER A 183 1.58 2.97 23.90
CA SER A 183 1.12 3.42 25.19
C SER A 183 2.23 3.40 26.20
N ASP A 184 3.09 2.37 26.18
CA ASP A 184 4.14 2.25 27.15
C ASP A 184 5.11 3.37 26.99
N SER A 185 5.54 3.62 25.73
CA SER A 185 6.53 4.62 25.48
C SER A 185 5.97 5.95 25.86
N HIS A 186 4.65 6.14 25.67
CA HIS A 186 4.04 7.39 26.01
C HIS A 186 4.11 7.59 27.49
N PHE A 187 3.86 6.50 28.24
CA PHE A 187 3.85 6.47 29.67
C PHE A 187 5.21 6.86 30.17
N LEU A 188 6.24 6.22 29.59
CA LEU A 188 7.60 6.47 29.99
C LEU A 188 7.95 7.89 29.70
N SER A 189 7.46 8.41 28.56
CA SER A 189 7.78 9.74 28.15
C SER A 189 7.26 10.71 29.17
N SER A 190 6.08 10.43 29.75
CA SER A 190 5.51 11.37 30.67
C SER A 190 6.45 11.57 31.82
N HIS A 191 7.06 10.45 32.27
CA HIS A 191 7.97 10.35 33.39
C HIS A 191 9.32 10.93 33.10
N LEU A 192 9.68 11.15 31.82
CA LEU A 192 10.96 11.70 31.47
C LEU A 192 12.00 10.59 31.56
N ILE A 193 11.55 9.32 31.50
CA ILE A 193 12.45 8.19 31.50
C ILE A 193 12.99 7.97 30.11
N ILE A 194 14.28 7.59 30.02
CA ILE A 194 14.96 7.40 28.76
C ILE A 194 16.02 6.32 28.91
N ASP A 195 16.74 6.00 27.82
CA ASP A 195 17.81 5.05 27.70
C ASP A 195 17.38 3.68 28.11
N TYR A 196 16.11 3.35 27.82
CA TYR A 196 15.58 2.05 28.07
C TYR A 196 15.55 1.35 26.75
N SER A 197 15.75 0.01 26.75
CA SER A 197 15.78 -0.69 25.51
C SER A 197 14.79 -1.81 25.54
N LEU A 198 14.57 -2.43 24.35
CA LEU A 198 13.62 -3.50 24.24
C LEU A 198 14.41 -4.76 24.17
N LEU A 199 14.12 -5.70 25.09
CA LEU A 199 14.84 -6.94 25.12
C LEU A 199 14.07 -7.89 24.27
N VAL A 200 14.76 -8.59 23.35
CA VAL A 200 14.08 -9.50 22.49
C VAL A 200 14.73 -10.84 22.58
N GLY A 201 13.91 -11.91 22.70
CA GLY A 201 14.44 -13.24 22.78
C GLY A 201 13.80 -14.01 21.69
N ARG A 202 14.56 -14.88 21.01
CA ARG A 202 13.92 -15.57 19.92
C ARG A 202 14.10 -17.04 20.05
N ASP A 203 13.07 -17.79 19.60
CA ASP A 203 13.06 -19.22 19.56
C ASP A 203 13.03 -19.56 18.09
N ASP A 204 13.55 -20.73 17.67
CA ASP A 204 13.59 -21.02 16.25
C ASP A 204 12.66 -22.15 15.88
N THR A 205 12.00 -22.00 14.70
CA THR A 205 11.08 -22.90 14.03
C THR A 205 9.89 -22.06 13.85
N SER A 206 8.68 -22.63 14.06
CA SER A 206 7.65 -21.67 14.22
C SER A 206 8.16 -21.00 15.45
N ASN A 207 8.58 -19.73 15.32
CA ASN A 207 9.32 -19.13 16.38
C ASN A 207 8.44 -18.58 17.43
N GLU A 208 9.04 -18.41 18.63
CA GLU A 208 8.39 -17.80 19.74
C GLU A 208 9.26 -16.63 20.08
N LEU A 209 8.66 -15.44 20.23
CA LEU A 209 9.44 -14.27 20.49
C LEU A 209 9.13 -13.82 21.87
N VAL A 210 10.15 -13.30 22.58
CA VAL A 210 9.91 -12.79 23.90
C VAL A 210 10.36 -11.36 23.89
N VAL A 211 9.48 -10.41 24.28
CA VAL A 211 9.90 -9.04 24.22
C VAL A 211 9.38 -8.31 25.42
N GLY A 212 10.11 -7.23 25.81
CA GLY A 212 9.69 -6.43 26.94
C GLY A 212 10.66 -5.29 27.07
N ILE A 213 10.20 -4.15 27.64
CA ILE A 213 11.01 -2.98 27.81
C ILE A 213 11.79 -3.13 29.08
N ILE A 214 13.07 -2.70 29.06
CA ILE A 214 13.92 -2.83 30.22
C ILE A 214 14.69 -1.55 30.43
N ASP A 215 15.49 -1.49 31.51
CA ASP A 215 16.31 -0.35 31.86
C ASP A 215 15.46 0.87 32.07
N TYR A 216 14.34 0.69 32.78
CA TYR A 216 13.34 1.67 33.13
C TYR A 216 13.85 2.73 34.06
N ILE A 217 14.69 2.39 35.05
CA ILE A 217 14.96 3.42 36.03
C ILE A 217 16.17 4.24 35.70
N ARG A 218 15.92 5.39 35.06
CA ARG A 218 16.94 6.36 34.81
C ARG A 218 16.23 7.54 34.20
N THR A 219 16.28 8.72 34.85
CA THR A 219 15.57 9.86 34.32
C THR A 219 16.22 11.10 34.81
N PHE A 220 16.17 12.16 33.99
CA PHE A 220 16.62 13.47 34.33
C PHE A 220 18.08 13.41 34.68
N THR A 221 18.82 12.43 34.14
CA THR A 221 20.22 12.43 34.50
C THR A 221 21.00 12.79 33.29
N TRP A 222 21.30 14.09 33.11
CA TRP A 222 22.10 14.51 31.99
C TRP A 222 23.49 13.99 32.15
N ASP A 223 24.07 14.19 33.35
CA ASP A 223 25.43 13.80 33.55
C ASP A 223 25.45 12.44 34.16
N LYS A 224 25.81 11.42 33.34
CA LYS A 224 25.88 10.11 33.89
C LYS A 224 26.68 9.25 32.96
N LYS A 225 27.32 8.22 33.55
CA LYS A 225 28.03 7.19 32.84
C LYS A 225 28.85 7.78 31.74
N LEU A 226 29.91 8.53 32.09
CA LEU A 226 30.72 9.07 31.04
C LEU A 226 31.30 7.92 30.30
N GLU A 227 31.47 8.08 28.97
CA GLU A 227 31.94 7.00 28.16
C GLU A 227 33.32 6.63 28.56
N MET A 228 33.64 5.33 28.39
CA MET A 228 34.94 4.81 28.71
C MET A 228 35.43 4.13 27.47
N VAL A 229 36.74 3.84 27.44
CA VAL A 229 37.46 3.13 26.40
C VAL A 229 37.60 3.99 25.19
N VAL A 230 38.51 3.57 24.28
CA VAL A 230 38.78 4.28 23.07
C VAL A 230 37.77 3.86 22.06
N LYS A 231 37.35 4.79 21.19
CA LYS A 231 36.41 4.49 20.17
C LYS A 231 37.17 3.98 18.99
N SER A 232 36.56 3.03 18.24
CA SER A 232 37.22 2.56 17.07
C SER A 232 37.04 3.63 16.04
N THR A 233 38.00 3.77 15.12
CA THR A 233 37.91 4.81 14.14
C THR A 233 37.94 4.15 12.80
N GLY A 234 38.06 4.98 11.74
CA GLY A 234 38.14 4.47 10.41
C GLY A 234 36.79 4.57 9.78
N ILE A 235 35.75 4.76 10.61
CA ILE A 235 34.44 4.88 10.05
C ILE A 235 33.79 6.08 10.64
N LEU A 236 32.95 6.77 9.86
CA LEU A 236 32.25 7.90 10.39
C LEU A 236 31.27 7.32 11.36
N GLY A 237 30.94 8.06 12.43
CA GLY A 237 30.05 7.49 13.39
C GLY A 237 29.68 8.54 14.37
N GLY A 238 29.66 8.16 15.66
CA GLY A 238 29.26 9.07 16.69
C GLY A 238 30.17 10.26 16.62
N GLN A 239 29.63 11.43 16.96
CA GLN A 239 30.36 12.65 16.86
C GLN A 239 30.90 13.04 18.20
N GLY A 240 31.78 14.05 18.18
CA GLY A 240 32.33 14.65 19.37
C GLY A 240 31.17 15.22 20.09
N LYS A 241 30.18 15.68 19.29
CA LYS A 241 28.94 16.18 19.77
C LYS A 241 28.27 14.97 20.42
N MET A 242 27.07 15.11 21.01
CA MET A 242 26.32 16.32 20.98
C MET A 242 26.05 16.77 22.37
N PRO A 243 26.33 18.02 22.55
CA PRO A 243 26.01 18.66 23.79
C PRO A 243 24.53 18.72 23.84
N THR A 244 23.88 18.61 22.67
CA THR A 244 22.47 18.57 22.59
C THR A 244 22.13 17.18 22.16
N VAL A 245 21.44 16.44 23.04
CA VAL A 245 21.18 15.05 22.78
C VAL A 245 19.68 14.95 22.66
N VAL A 246 19.16 13.73 22.40
CA VAL A 246 17.76 13.46 22.20
C VAL A 246 17.04 13.50 23.52
N SER A 247 15.86 14.16 23.55
CA SER A 247 15.05 14.32 24.72
C SER A 247 14.17 13.11 24.88
N PRO A 248 13.50 13.04 26.00
CA PRO A 248 12.65 11.92 26.30
C PRO A 248 11.51 11.74 25.35
N GLU A 249 10.88 12.83 24.88
CA GLU A 249 9.78 12.68 23.98
C GLU A 249 10.31 12.14 22.69
N LEU A 250 11.47 12.67 22.26
CA LEU A 250 12.06 12.28 21.01
C LEU A 250 12.46 10.84 21.08
N TYR A 251 12.95 10.39 22.24
CA TYR A 251 13.43 9.06 22.44
C TYR A 251 12.29 8.11 22.22
N ARG A 252 11.10 8.48 22.73
CA ARG A 252 9.93 7.64 22.66
C ARG A 252 9.54 7.38 21.24
N THR A 253 9.47 8.43 20.41
CA THR A 253 9.02 8.26 19.05
C THR A 253 9.97 7.38 18.30
N ARG A 254 11.28 7.61 18.49
CA ARG A 254 12.28 6.86 17.78
C ARG A 254 12.18 5.42 18.17
N PHE A 255 11.94 5.16 19.46
CA PHE A 255 11.90 3.83 19.98
C PHE A 255 10.82 3.05 19.30
N CYS A 256 9.60 3.61 19.25
CA CYS A 256 8.49 2.91 18.65
C CYS A 256 8.74 2.73 17.18
N GLU A 257 9.25 3.79 16.51
CA GLU A 257 9.42 3.74 15.09
C GLU A 257 10.38 2.65 14.75
N ALA A 258 11.49 2.54 15.50
CA ALA A 258 12.49 1.55 15.22
C ALA A 258 11.90 0.19 15.42
N MET A 259 11.14 0.02 16.51
CA MET A 259 10.58 -1.25 16.87
C MET A 259 9.59 -1.65 15.84
N ASP A 260 8.96 -0.66 15.17
CA ASP A 260 7.97 -0.96 14.19
C ASP A 260 8.56 -1.83 13.12
N LYS A 261 9.79 -1.52 12.67
CA LYS A 261 10.45 -2.25 11.61
C LYS A 261 10.80 -3.64 12.07
N TYR A 262 11.14 -3.80 13.36
CA TYR A 262 11.63 -5.05 13.87
C TYR A 262 10.63 -6.13 13.65
N PHE A 263 9.36 -5.90 14.02
CA PHE A 263 8.41 -6.95 13.80
C PHE A 263 7.62 -6.61 12.57
N LEU A 264 7.35 -7.63 11.75
CA LEU A 264 6.60 -7.43 10.54
C LEU A 264 5.18 -7.91 10.84
N SER B 1 9.93 -18.52 -0.44
CA SER B 1 9.18 -18.53 0.81
C SER B 1 7.68 -18.65 0.55
N SER B 2 6.97 -17.52 0.65
CA SER B 2 5.53 -17.49 0.39
C SER B 2 5.27 -16.84 -0.95
N PHE B 3 6.33 -16.31 -1.56
CA PHE B 3 6.24 -15.72 -2.89
C PHE B 3 6.60 -16.69 -4.00
N GLN B 4 7.52 -17.64 -3.77
CA GLN B 4 7.72 -18.73 -4.71
C GLN B 4 6.52 -19.66 -4.66
N SER B 5 5.84 -19.71 -3.53
CA SER B 5 4.59 -20.48 -3.45
C SER B 5 3.45 -19.77 -4.15
N THR B 6 3.60 -19.55 -5.46
CA THR B 6 2.77 -18.62 -6.21
C THR B 6 2.13 -19.32 -7.41
N VAL B 7 1.82 -20.61 -7.24
CA VAL B 7 1.00 -21.34 -8.21
C VAL B 7 -0.25 -21.78 -7.48
N ASP B 8 -0.68 -20.95 -6.52
CA ASP B 8 -1.80 -21.28 -5.65
C ASP B 8 -2.34 -20.03 -4.95
N SER B 9 -3.62 -20.06 -4.56
CA SER B 9 -4.23 -18.94 -3.87
C SER B 9 -4.04 -19.01 -2.37
N ASP B 10 -3.44 -20.10 -1.88
CA ASP B 10 -3.68 -20.60 -0.53
C ASP B 10 -2.74 -20.03 0.53
N SER B 11 -2.28 -18.78 0.40
CA SER B 11 -1.50 -18.15 1.46
C SER B 11 -2.22 -18.25 2.80
N LYS B 15 12.39 -0.69 2.91
CA LYS B 15 11.24 -1.58 2.81
C LYS B 15 10.08 -1.08 3.66
N GLU B 16 10.37 -0.21 4.63
CA GLU B 16 9.29 0.44 5.37
C GLU B 16 8.37 1.20 4.43
N TYR B 17 8.92 2.22 3.76
CA TYR B 17 8.17 2.92 2.72
C TYR B 17 7.60 1.93 1.73
N LEU B 18 8.38 0.91 1.39
CA LEU B 18 7.93 -0.04 0.38
C LEU B 18 6.60 -0.67 0.77
N ILE B 19 6.55 -1.29 1.94
CA ILE B 19 5.36 -2.02 2.34
C ILE B 19 4.24 -1.07 2.73
N SER B 20 4.57 0.14 3.17
CA SER B 20 3.55 1.16 3.27
C SER B 20 2.84 1.33 1.94
N ASP B 21 3.59 1.67 0.90
CA ASP B 21 3.01 1.80 -0.44
C ASP B 21 2.42 0.48 -0.91
N THR B 22 2.92 -0.63 -0.35
CA THR B 22 2.42 -1.94 -0.73
C THR B 22 0.96 -2.01 -0.35
N GLY B 23 0.67 -1.83 0.94
CA GLY B 23 -0.73 -1.73 1.36
C GLY B 23 -1.47 -0.68 0.58
N GLY B 24 -0.84 0.47 0.36
CA GLY B 24 -1.47 1.57 -0.33
C GLY B 24 -2.08 1.17 -1.65
N GLN B 25 -1.25 0.66 -2.57
CA GLN B 25 -1.76 0.21 -3.84
C GLN B 25 -2.47 -1.14 -3.70
N GLN B 26 -2.23 -1.85 -2.60
CA GLN B 26 -2.92 -3.09 -2.30
C GLN B 26 -4.40 -2.89 -2.09
N LEU B 27 -4.81 -1.68 -1.76
CA LEU B 27 -6.24 -1.41 -1.82
C LEU B 27 -6.53 -0.24 -2.77
N SER B 28 -5.60 0.00 -3.70
CA SER B 28 -6.00 0.54 -4.99
C SER B 28 -6.72 -0.61 -5.68
N ILE B 29 -6.20 -1.82 -5.46
CA ILE B 29 -6.80 -3.07 -5.90
C ILE B 29 -6.40 -4.15 -4.89
N SER B 30 -7.37 -4.91 -4.39
CA SER B 30 -7.17 -5.81 -3.26
C SER B 30 -6.51 -7.13 -3.65
N ASP B 31 -5.37 -7.47 -3.03
CA ASP B 31 -4.77 -8.80 -3.18
C ASP B 31 -3.75 -9.12 -2.08
N ALA B 32 -2.96 -10.19 -2.28
CA ALA B 32 -2.04 -10.73 -1.27
C ALA B 32 -0.82 -9.85 -1.06
N PHE B 33 -0.52 -9.54 0.21
CA PHE B 33 0.57 -8.62 0.55
C PHE B 33 1.95 -9.25 0.43
N ILE B 34 2.10 -10.47 0.94
CA ILE B 34 3.43 -11.01 1.21
C ILE B 34 4.16 -11.35 -0.09
N LYS B 35 3.44 -11.91 -1.07
CA LYS B 35 4.08 -12.21 -2.35
C LYS B 35 4.94 -11.06 -2.83
N GLU B 36 4.33 -9.89 -3.04
CA GLU B 36 5.05 -8.76 -3.60
C GLU B 36 5.97 -8.14 -2.55
N SER B 37 5.58 -8.21 -1.28
CA SER B 37 6.51 -7.79 -0.23
C SER B 37 7.86 -8.46 -0.41
N LEU B 38 7.87 -9.78 -0.61
CA LEU B 38 9.13 -10.52 -0.69
C LEU B 38 9.82 -10.33 -2.04
N PHE B 39 9.05 -10.33 -3.13
CA PHE B 39 9.67 -10.03 -4.43
C PHE B 39 10.39 -8.68 -4.38
N ASN B 40 9.64 -7.63 -4.03
CA ASN B 40 10.23 -6.30 -3.96
C ASN B 40 11.37 -6.29 -2.95
N ARG B 41 11.24 -7.02 -1.85
CA ARG B 41 12.35 -7.20 -0.95
C ARG B 41 13.63 -7.53 -1.71
N ARG B 42 13.62 -8.65 -2.43
CA ARG B 42 14.84 -9.12 -3.08
C ARG B 42 15.34 -8.10 -4.11
N VAL B 43 14.41 -7.55 -4.89
CA VAL B 43 14.84 -6.81 -6.07
C VAL B 43 15.22 -5.37 -5.67
N GLU B 44 14.51 -4.79 -4.72
CA GLU B 44 14.99 -3.57 -4.13
C GLU B 44 16.23 -3.81 -3.28
N GLU B 45 16.51 -5.05 -2.89
CA GLU B 45 17.77 -5.29 -2.20
C GLU B 45 18.93 -5.08 -3.14
N LYS B 46 18.90 -5.74 -4.30
CA LYS B 46 19.96 -5.46 -5.27
C LYS B 46 19.98 -3.97 -5.62
N SER B 47 18.79 -3.37 -5.76
CA SER B 47 18.77 -1.94 -6.03
C SER B 47 19.47 -1.18 -4.92
N LYS B 48 18.91 -1.17 -3.72
CA LYS B 48 19.50 -0.50 -2.57
C LYS B 48 21.00 -0.75 -2.48
N GLU B 49 21.45 -1.93 -2.89
CA GLU B 49 22.89 -2.15 -2.95
C GLU B 49 23.53 -1.28 -4.02
N LEU B 50 22.77 -0.93 -5.05
CA LEU B 50 23.29 0.03 -6.04
C LEU B 50 23.60 1.40 -5.42
N PRO B 51 22.63 2.15 -4.86
CA PRO B 51 22.87 3.59 -4.65
C PRO B 51 24.04 4.01 -3.78
N PHE B 52 23.98 3.78 -2.47
CA PHE B 52 24.61 4.71 -1.53
C PHE B 52 25.72 4.16 -0.67
N THR B 53 25.46 3.14 0.16
CA THR B 53 26.38 2.84 1.25
C THR B 53 27.77 2.59 0.66
N PRO B 54 27.99 1.53 -0.14
CA PRO B 54 29.13 1.56 -1.06
C PRO B 54 28.75 1.99 -2.47
N LEU B 55 29.77 2.30 -3.28
CA LEU B 55 29.67 2.39 -4.73
C LEU B 55 28.96 3.62 -5.29
N GLY B 56 28.29 4.39 -4.43
CA GLY B 56 27.71 5.66 -4.85
C GLY B 56 27.19 5.68 -6.28
N TRP B 57 26.53 4.59 -6.72
CA TRP B 57 26.13 4.47 -8.12
C TRP B 57 25.18 5.59 -8.53
N HIS B 58 25.18 5.87 -9.83
CA HIS B 58 24.06 6.57 -10.45
C HIS B 58 22.91 5.58 -10.53
N HIS B 59 22.06 5.59 -9.50
CA HIS B 59 21.15 4.49 -9.22
C HIS B 59 19.71 4.78 -9.60
N ASN B 60 19.45 5.89 -10.29
CA ASN B 60 18.09 6.39 -10.42
C ASN B 60 17.61 6.32 -11.86
N ASN B 61 18.41 6.84 -12.79
CA ASN B 61 18.02 6.85 -14.19
C ASN B 61 18.41 5.55 -14.87
N LEU B 62 17.63 5.20 -15.90
CA LEU B 62 18.06 4.21 -16.89
C LEU B 62 18.00 2.79 -16.34
N GLU B 63 17.69 2.61 -15.05
CA GLU B 63 17.56 1.27 -14.50
C GLU B 63 16.16 1.05 -13.93
N LEU B 64 15.72 1.91 -13.02
CA LEU B 64 14.32 1.87 -12.62
C LEU B 64 13.42 2.29 -13.78
N LEU B 65 13.95 3.14 -14.66
CA LEU B 65 13.42 3.23 -16.01
C LEU B 65 13.16 1.84 -16.58
N ARG B 66 14.18 0.98 -16.57
CA ARG B 66 14.06 -0.35 -17.14
C ARG B 66 12.99 -1.16 -16.41
N GLU B 67 12.86 -0.98 -15.11
CA GLU B 67 11.81 -1.69 -14.40
C GLU B 67 10.43 -1.21 -14.79
N GLU B 68 10.25 0.11 -14.88
CA GLU B 68 8.97 0.65 -15.32
C GLU B 68 8.60 0.07 -16.67
N ASN B 69 9.58 -0.03 -17.57
CA ASN B 69 9.35 -0.68 -18.85
C ASN B 69 9.01 -2.15 -18.66
N GLY B 70 9.72 -2.83 -17.76
CA GLY B 70 9.40 -4.20 -17.44
C GLY B 70 7.96 -4.37 -17.02
N GLU B 71 7.46 -3.44 -16.21
CA GLU B 71 6.09 -3.54 -15.72
C GLU B 71 5.06 -3.22 -16.79
N LYS B 72 5.39 -2.31 -17.70
CA LYS B 72 4.52 -2.08 -18.85
C LYS B 72 4.39 -3.35 -19.68
N GLN B 73 5.52 -3.91 -20.11
CA GLN B 73 5.50 -5.18 -20.80
C GLN B 73 4.81 -6.24 -19.95
N ALA B 74 4.98 -6.17 -18.63
CA ALA B 74 4.36 -7.13 -17.74
C ALA B 74 2.86 -7.12 -17.89
N MET B 75 2.24 -5.99 -17.55
CA MET B 75 0.80 -5.86 -17.76
C MET B 75 0.42 -6.34 -19.14
N GLU B 76 0.93 -5.66 -20.17
CA GLU B 76 0.44 -5.89 -21.53
C GLU B 76 0.55 -7.35 -21.95
N ARG B 77 1.75 -7.93 -21.86
CA ARG B 77 1.96 -9.26 -22.41
C ARG B 77 1.38 -10.35 -21.51
N LEU B 78 1.58 -10.28 -20.19
CA LEU B 78 1.01 -11.31 -19.34
C LEU B 78 -0.51 -11.31 -19.46
N LEU B 79 -1.10 -10.16 -19.80
CA LEU B 79 -2.48 -10.19 -20.29
C LEU B 79 -2.52 -10.55 -21.77
N SER B 80 -1.98 -11.70 -22.17
CA SER B 80 -2.03 -12.12 -23.57
C SER B 80 -2.15 -13.64 -23.76
N ALA B 81 -2.38 -14.42 -22.70
CA ALA B 81 -2.07 -15.85 -22.77
C ALA B 81 -3.10 -16.77 -22.09
N ASN B 82 -4.38 -16.41 -22.12
CA ASN B 82 -5.38 -17.23 -21.45
C ASN B 82 -5.81 -18.43 -22.31
N HIS B 83 -5.74 -19.62 -21.73
CA HIS B 83 -6.39 -20.83 -22.22
C HIS B 83 -6.62 -21.78 -21.05
N ASN B 84 -7.79 -21.69 -20.44
CA ASN B 84 -7.92 -22.13 -19.07
C ASN B 84 -9.24 -22.79 -18.70
N HIS B 85 -10.16 -22.95 -19.65
CA HIS B 85 -11.52 -23.34 -19.31
C HIS B 85 -12.07 -22.29 -18.37
N MET B 86 -12.25 -21.08 -18.91
CA MET B 86 -12.38 -19.85 -18.15
C MET B 86 -13.66 -19.84 -17.31
N MET B 87 -13.87 -18.70 -16.64
CA MET B 87 -14.90 -18.54 -15.63
C MET B 87 -16.24 -19.18 -16.01
N ALA B 88 -16.52 -19.30 -17.32
CA ALA B 88 -17.88 -19.52 -17.79
C ALA B 88 -18.71 -20.33 -16.81
N LEU B 89 -18.16 -21.44 -16.30
CA LEU B 89 -18.89 -22.24 -15.32
C LEU B 89 -19.02 -21.48 -14.01
N LEU B 90 -17.91 -20.92 -13.54
CA LEU B 90 -17.95 -20.05 -12.37
C LEU B 90 -19.07 -19.02 -12.49
N GLN B 91 -19.23 -18.42 -13.67
CA GLN B 91 -20.15 -17.30 -13.79
C GLN B 91 -21.60 -17.76 -13.88
N GLN B 92 -21.88 -18.67 -14.82
CA GLN B 92 -23.20 -19.30 -14.83
C GLN B 92 -23.60 -19.71 -13.43
N LEU B 93 -22.62 -20.08 -12.59
CA LEU B 93 -22.91 -20.34 -11.19
C LEU B 93 -23.17 -19.05 -10.42
N LEU B 94 -22.40 -18.01 -10.70
CA LEU B 94 -22.62 -16.68 -10.13
C LEU B 94 -24.03 -16.16 -10.37
N HIS B 95 -24.78 -16.80 -11.26
CA HIS B 95 -26.13 -16.39 -11.61
C HIS B 95 -27.00 -16.00 -10.41
N SER B 96 -26.69 -16.48 -9.22
CA SER B 96 -27.63 -16.43 -8.10
C SER B 96 -27.77 -15.00 -7.56
N ASP B 97 -28.44 -14.93 -6.40
CA ASP B 97 -28.48 -13.78 -5.50
C ASP B 97 -29.58 -12.74 -5.76
N SER B 98 -30.46 -12.90 -6.75
CA SER B 98 -31.50 -11.89 -6.92
C SER B 98 -32.51 -12.21 -8.04
N LEU B 99 -33.55 -11.36 -8.11
CA LEU B 99 -34.57 -11.37 -9.18
C LEU B 99 -34.18 -10.57 -10.41
N SER B 100 -33.16 -10.98 -11.16
CA SER B 100 -32.98 -10.46 -12.52
C SER B 100 -33.19 -11.60 -13.51
N SER B 101 -33.90 -12.64 -13.05
CA SER B 101 -33.98 -13.88 -13.80
C SER B 101 -34.40 -13.63 -15.24
N SER B 102 -33.78 -14.39 -16.14
CA SER B 102 -34.21 -14.49 -17.52
C SER B 102 -33.84 -13.28 -18.38
N TRP B 103 -33.38 -12.20 -17.75
CA TRP B 103 -33.27 -10.96 -18.51
C TRP B 103 -32.02 -10.16 -18.17
N ARG B 104 -31.06 -10.79 -17.48
CA ARG B 104 -29.74 -10.20 -17.37
C ARG B 104 -28.86 -10.58 -18.55
N ASP B 105 -29.14 -11.75 -19.16
CA ASP B 105 -28.20 -12.32 -20.12
C ASP B 105 -27.82 -11.32 -21.20
N ILE B 106 -28.82 -10.64 -21.76
CA ILE B 106 -28.53 -9.49 -22.61
C ILE B 106 -27.53 -8.57 -21.94
N ILE B 107 -27.76 -8.28 -20.66
CA ILE B 107 -26.93 -7.32 -19.95
C ILE B 107 -25.48 -7.79 -20.00
N VAL B 108 -25.25 -9.06 -19.72
CA VAL B 108 -23.90 -9.57 -19.57
C VAL B 108 -23.24 -9.71 -20.93
N SER B 109 -23.98 -10.27 -21.89
CA SER B 109 -23.45 -10.42 -23.24
C SER B 109 -22.99 -9.08 -23.79
N LEU B 110 -23.75 -8.02 -23.53
CA LEU B 110 -23.47 -6.77 -24.22
C LEU B 110 -22.52 -5.88 -23.43
N VAL B 111 -22.49 -6.04 -22.11
CA VAL B 111 -21.36 -5.48 -21.37
C VAL B 111 -20.07 -6.11 -21.86
N CYS B 112 -20.10 -7.42 -22.12
CA CYS B 112 -18.94 -8.07 -22.71
C CYS B 112 -18.61 -7.45 -24.07
N GLN B 113 -19.64 -7.20 -24.88
CA GLN B 113 -19.41 -6.54 -26.16
C GLN B 113 -18.67 -5.22 -25.97
N VAL B 114 -19.17 -4.37 -25.07
CA VAL B 114 -18.64 -3.02 -24.95
C VAL B 114 -17.24 -3.05 -24.34
N VAL B 115 -16.98 -4.01 -23.46
CA VAL B 115 -15.69 -4.12 -22.82
C VAL B 115 -14.77 -4.93 -23.72
N GLN B 116 -15.30 -5.36 -24.86
CA GLN B 116 -14.48 -5.88 -25.93
C GLN B 116 -14.18 -4.75 -26.90
N THR B 117 -14.98 -3.68 -26.82
CA THR B 117 -14.64 -2.46 -27.54
C THR B 117 -13.29 -1.90 -27.08
N VAL B 118 -12.81 -2.33 -25.92
CA VAL B 118 -11.75 -1.64 -25.22
C VAL B 118 -10.41 -2.32 -25.42
N ARG B 119 -9.48 -1.61 -26.05
CA ARG B 119 -8.06 -1.97 -26.04
C ARG B 119 -7.24 -0.69 -26.16
N PRO B 120 -7.27 0.18 -25.17
CA PRO B 120 -6.59 1.48 -25.29
C PRO B 120 -5.08 1.32 -25.42
N ASP B 121 -4.46 2.26 -26.14
CA ASP B 121 -3.01 2.33 -26.32
C ASP B 121 -2.57 3.79 -26.20
N VAL B 122 -3.01 4.45 -25.12
CA VAL B 122 -3.23 5.89 -25.14
C VAL B 122 -1.98 6.72 -24.81
N LYS B 123 -1.39 6.51 -23.62
CA LYS B 123 -0.48 7.51 -23.08
C LYS B 123 0.95 7.39 -23.59
N ASN B 124 1.35 6.20 -24.01
CA ASN B 124 2.74 5.95 -24.37
C ASN B 124 2.77 4.70 -25.26
N GLN B 125 3.96 4.11 -25.39
CA GLN B 125 4.09 2.79 -26.00
C GLN B 125 3.52 1.75 -25.04
N ASP B 126 2.22 1.88 -24.80
CA ASP B 126 1.53 1.17 -23.73
C ASP B 126 0.11 0.89 -24.17
N ASP B 127 -0.26 -0.40 -24.18
CA ASP B 127 -1.65 -0.79 -24.45
C ASP B 127 -2.51 -0.49 -23.21
N ASP B 128 -2.95 0.76 -23.15
CA ASP B 128 -3.63 1.29 -21.97
C ASP B 128 -4.93 0.55 -21.74
N MET B 129 -5.36 0.52 -20.48
CA MET B 129 -6.64 -0.03 -20.09
C MET B 129 -7.18 0.79 -18.92
N ASP B 130 -8.08 1.74 -19.23
CA ASP B 130 -8.69 2.55 -18.18
C ASP B 130 -9.98 1.92 -17.70
N ILE B 131 -10.00 0.58 -17.68
CA ILE B 131 -11.14 -0.21 -17.25
C ILE B 131 -11.69 0.34 -15.94
N ARG B 132 -13.00 0.29 -15.77
CA ARG B 132 -13.68 0.79 -14.58
C ARG B 132 -13.63 2.31 -14.49
N GLN B 133 -13.23 2.97 -15.58
CA GLN B 133 -13.08 4.42 -15.53
C GLN B 133 -13.93 5.14 -16.58
N PHE B 134 -14.48 4.40 -17.55
CA PHE B 134 -14.81 4.97 -18.84
C PHE B 134 -16.25 4.79 -19.29
N VAL B 135 -17.19 4.46 -18.40
CA VAL B 135 -18.59 4.41 -18.83
C VAL B 135 -19.55 4.54 -17.67
N HIS B 136 -20.77 4.96 -17.98
CA HIS B 136 -21.92 4.84 -17.08
C HIS B 136 -23.05 4.25 -17.90
N ILE B 137 -23.85 3.41 -17.25
CA ILE B 137 -25.10 2.93 -17.84
C ILE B 137 -26.25 3.43 -16.98
N LYS B 138 -27.44 3.53 -17.56
CA LYS B 138 -28.51 4.22 -16.86
C LYS B 138 -29.88 3.71 -17.28
N LYS B 139 -30.84 3.87 -16.38
CA LYS B 139 -32.19 3.36 -16.54
C LYS B 139 -33.19 4.51 -16.51
N ILE B 140 -34.48 4.17 -16.65
CA ILE B 140 -35.55 5.01 -16.14
C ILE B 140 -36.50 4.14 -15.33
N PRO B 141 -36.71 4.43 -14.04
CA PRO B 141 -37.73 3.66 -13.30
C PRO B 141 -39.10 3.91 -13.90
N GLY B 142 -39.64 2.89 -14.55
CA GLY B 142 -40.94 3.00 -15.21
C GLY B 142 -41.29 1.74 -15.95
N GLY B 143 -42.60 1.57 -16.22
CA GLY B 143 -43.09 0.36 -16.86
C GLY B 143 -42.54 -0.90 -16.19
N LYS B 144 -42.34 -1.91 -17.01
CA LYS B 144 -41.64 -3.12 -16.59
C LYS B 144 -40.34 -3.26 -17.39
N LYS B 145 -39.31 -3.74 -16.71
CA LYS B 145 -37.93 -3.44 -17.12
C LYS B 145 -37.66 -3.79 -18.58
N PHE B 146 -38.13 -4.95 -19.03
CA PHE B 146 -37.50 -5.63 -20.16
C PHE B 146 -37.75 -4.95 -21.51
N ASP B 147 -37.15 -3.78 -21.74
CA ASP B 147 -37.18 -3.12 -23.05
C ASP B 147 -35.85 -2.47 -23.38
N SER B 148 -34.79 -2.84 -22.68
CA SER B 148 -33.55 -2.09 -22.74
C SER B 148 -32.97 -2.04 -24.15
N VAL B 149 -32.45 -0.87 -24.54
CA VAL B 149 -31.91 -0.64 -25.87
C VAL B 149 -30.60 0.12 -25.73
N VAL B 150 -29.52 -0.41 -26.29
CA VAL B 150 -28.20 0.20 -26.08
C VAL B 150 -27.93 1.23 -27.17
N VAL B 151 -26.95 2.10 -26.91
CA VAL B 151 -26.42 3.03 -27.90
C VAL B 151 -24.95 3.25 -27.54
N ASN B 152 -24.08 3.22 -28.55
CA ASN B 152 -22.65 3.40 -28.34
C ASN B 152 -22.34 4.90 -28.27
N GLY B 153 -22.72 5.49 -27.15
CA GLY B 153 -22.49 6.90 -26.93
C GLY B 153 -23.21 7.36 -25.67
N PHE B 154 -23.19 8.68 -25.48
CA PHE B 154 -23.80 9.31 -24.32
C PHE B 154 -25.28 9.54 -24.57
N VAL B 155 -26.05 9.65 -23.50
CA VAL B 155 -27.40 10.20 -23.54
C VAL B 155 -27.60 10.92 -22.23
N CYS B 156 -28.03 12.18 -22.29
CA CYS B 156 -28.24 12.93 -21.07
C CYS B 156 -29.70 13.33 -20.91
N THR B 157 -29.95 14.02 -19.79
CA THR B 157 -31.00 15.04 -19.69
C THR B 157 -30.31 16.34 -19.32
N LYS B 158 -29.77 17.01 -20.34
CA LYS B 158 -29.12 18.30 -20.18
C LYS B 158 -29.53 19.15 -21.36
N ASN B 159 -30.64 19.85 -21.21
CA ASN B 159 -31.27 20.52 -22.34
C ASN B 159 -30.31 21.49 -23.00
N ILE B 160 -30.56 21.75 -24.29
CA ILE B 160 -29.73 22.65 -25.07
C ILE B 160 -29.79 24.04 -24.45
N ALA B 161 -28.73 24.82 -24.67
CA ALA B 161 -28.65 26.17 -24.14
C ALA B 161 -29.81 27.06 -24.54
N HIS B 162 -30.44 26.78 -25.68
CA HIS B 162 -31.59 27.54 -26.16
C HIS B 162 -32.50 26.58 -26.90
N LYS B 163 -33.68 26.32 -26.32
CA LYS B 163 -34.57 25.31 -26.87
C LYS B 163 -34.80 25.49 -28.37
N LYS B 164 -34.52 26.67 -28.91
CA LYS B 164 -34.58 26.91 -30.34
C LYS B 164 -33.27 26.60 -31.05
N MET B 165 -32.19 26.37 -30.31
CA MET B 165 -30.97 25.87 -30.92
C MET B 165 -31.20 24.44 -31.40
N SER B 166 -30.12 23.80 -31.85
CA SER B 166 -30.23 22.58 -32.64
C SER B 166 -31.23 21.62 -32.01
N SER B 167 -32.34 21.40 -32.70
CA SER B 167 -33.24 20.31 -32.33
C SER B 167 -32.54 18.97 -32.46
N CYS B 168 -31.58 18.88 -33.38
CA CYS B 168 -30.70 17.75 -33.50
C CYS B 168 -29.52 18.15 -34.37
N ILE B 169 -28.32 17.95 -33.83
CA ILE B 169 -27.09 18.35 -34.50
C ILE B 169 -26.46 17.10 -35.11
N LYS B 170 -25.55 17.30 -36.06
CA LYS B 170 -24.88 16.18 -36.72
C LYS B 170 -23.46 16.54 -37.08
N ASN B 171 -22.58 15.54 -37.01
CA ASN B 171 -21.16 15.71 -37.24
C ASN B 171 -20.67 16.97 -36.54
N PRO B 172 -21.04 17.20 -35.29
CA PRO B 172 -20.74 18.50 -34.69
C PRO B 172 -19.28 18.60 -34.29
N LYS B 173 -18.67 19.72 -34.65
CA LYS B 173 -17.45 20.20 -34.03
C LYS B 173 -17.85 21.20 -32.97
N ILE B 174 -17.06 21.33 -31.91
CA ILE B 174 -17.37 22.22 -30.81
C ILE B 174 -16.08 22.84 -30.31
N LEU B 175 -16.20 23.79 -29.39
CA LEU B 175 -15.04 24.44 -28.80
C LEU B 175 -15.22 24.42 -27.30
N LEU B 176 -14.29 23.75 -26.62
CA LEU B 176 -14.40 23.49 -25.19
C LEU B 176 -13.26 24.18 -24.48
N LEU B 177 -13.59 24.95 -23.44
CA LEU B 177 -12.60 25.67 -22.65
C LEU B 177 -13.10 25.74 -21.22
N LYS B 178 -12.25 25.30 -20.30
CA LYS B 178 -12.60 25.37 -18.88
C LYS B 178 -12.93 26.79 -18.48
N CYS B 179 -12.42 27.77 -19.23
CA CYS B 179 -12.75 29.17 -18.97
C CYS B 179 -14.03 29.58 -19.71
N SER B 180 -14.35 30.86 -19.65
CA SER B 180 -15.64 31.36 -20.10
C SER B 180 -15.53 32.15 -21.40
N ILE B 181 -16.68 32.35 -22.03
CA ILE B 181 -16.81 33.43 -23.00
C ILE B 181 -17.36 34.64 -22.26
N GLU B 182 -16.47 35.32 -21.54
CA GLU B 182 -16.78 36.56 -20.85
C GLU B 182 -15.45 37.26 -20.61
N TYR B 183 -15.41 38.56 -20.86
CA TYR B 183 -14.13 39.24 -20.88
C TYR B 183 -13.31 38.84 -19.65
N LEU B 184 -12.24 38.10 -19.92
CA LEU B 184 -11.51 37.38 -18.90
C LEU B 184 -10.46 38.26 -18.27
N TYR B 185 -9.70 37.68 -17.34
CA TYR B 185 -8.87 38.44 -16.42
C TYR B 185 -7.66 38.99 -17.16
N ARG B 186 -7.81 40.19 -17.71
CA ARG B 186 -6.67 40.93 -18.23
C ARG B 186 -5.82 41.47 -17.08
N GLU B 187 -4.55 41.77 -17.38
CA GLU B 187 -3.62 42.18 -16.34
C GLU B 187 -4.13 43.39 -15.57
N GLU B 188 -4.32 44.51 -16.27
CA GLU B 188 -4.74 45.76 -15.62
C GLU B 188 -6.22 45.69 -15.24
N THR B 189 -6.51 45.15 -14.06
CA THR B 189 -7.88 45.07 -13.58
C THR B 189 -8.45 46.48 -13.42
N LYS B 190 -9.41 46.83 -14.28
CA LYS B 190 -9.96 48.18 -14.30
C LYS B 190 -11.44 48.10 -14.64
N PHE B 191 -12.25 48.87 -13.89
CA PHE B 191 -13.70 48.87 -14.05
C PHE B 191 -14.20 50.29 -13.89
N THR B 192 -14.60 50.91 -15.01
CA THR B 192 -15.13 52.26 -15.02
C THR B 192 -15.87 52.47 -16.32
N CYS B 193 -16.83 53.39 -16.34
CA CYS B 193 -17.63 53.67 -17.54
C CYS B 193 -18.37 52.41 -17.98
N ILE B 194 -19.37 52.02 -17.18
CA ILE B 194 -20.08 50.75 -17.32
C ILE B 194 -20.41 50.44 -18.76
N ASP B 195 -20.89 51.43 -19.51
CA ASP B 195 -21.41 51.16 -20.85
C ASP B 195 -20.28 50.76 -21.81
N PRO B 196 -19.23 51.56 -21.96
CA PRO B 196 -18.15 51.14 -22.87
C PRO B 196 -17.42 49.89 -22.40
N ILE B 197 -17.49 49.54 -21.12
CA ILE B 197 -16.85 48.29 -20.70
C ILE B 197 -17.73 47.08 -20.99
N VAL B 198 -19.05 47.22 -20.88
CA VAL B 198 -19.91 46.15 -21.38
C VAL B 198 -19.79 46.06 -22.89
N LEU B 199 -19.43 47.16 -23.55
CA LEU B 199 -19.17 47.11 -24.97
C LEU B 199 -17.83 46.44 -25.28
N GLN B 200 -16.84 46.65 -24.42
CA GLN B 200 -15.59 45.89 -24.55
C GLN B 200 -15.85 44.41 -24.33
N GLU B 201 -16.78 44.08 -23.44
CA GLU B 201 -17.22 42.69 -23.32
C GLU B 201 -17.89 42.22 -24.60
N ARG B 202 -18.75 43.06 -25.18
CA ARG B 202 -19.37 42.74 -26.46
C ARG B 202 -18.31 42.46 -27.53
N GLU B 203 -17.24 43.26 -27.57
CA GLU B 203 -16.21 43.08 -28.59
C GLU B 203 -15.37 41.85 -28.31
N PHE B 204 -14.98 41.65 -27.05
CA PHE B 204 -14.47 40.37 -26.59
C PHE B 204 -15.28 39.23 -27.21
N LEU B 205 -16.57 39.21 -26.89
CA LEU B 205 -17.45 38.15 -27.37
C LEU B 205 -17.39 38.03 -28.88
N LYS B 206 -17.44 39.16 -29.59
CA LYS B 206 -17.71 39.09 -31.02
C LYS B 206 -16.46 38.78 -31.83
N ASN B 207 -15.31 39.30 -31.44
CA ASN B 207 -14.10 38.86 -32.12
C ASN B 207 -13.80 37.42 -31.76
N TYR B 208 -14.06 37.02 -30.52
CA TYR B 208 -13.99 35.60 -30.21
C TYR B 208 -14.91 34.82 -31.13
N VAL B 209 -16.06 35.39 -31.48
CA VAL B 209 -17.02 34.70 -32.34
C VAL B 209 -16.50 34.63 -33.77
N GLN B 210 -15.90 35.71 -34.26
CA GLN B 210 -15.13 35.64 -35.49
C GLN B 210 -14.27 34.40 -35.47
N ARG B 211 -13.45 34.29 -34.43
CA ARG B 211 -12.48 33.20 -34.34
C ARG B 211 -13.17 31.86 -34.14
N ILE B 212 -14.36 31.87 -33.53
CA ILE B 212 -15.14 30.66 -33.36
C ILE B 212 -15.53 30.11 -34.70
N VAL B 213 -16.32 30.88 -35.45
CA VAL B 213 -16.79 30.40 -36.74
C VAL B 213 -15.60 30.17 -37.68
N ASP B 214 -14.51 30.91 -37.48
CA ASP B 214 -13.25 30.54 -38.13
C ASP B 214 -12.88 29.11 -37.78
N VAL B 215 -13.14 28.70 -36.53
CA VAL B 215 -13.04 27.30 -36.18
C VAL B 215 -14.24 26.52 -36.67
N ARG B 216 -15.39 27.15 -36.79
CA ARG B 216 -16.64 26.47 -37.10
C ARG B 216 -16.88 25.35 -36.09
N PRO B 217 -17.32 25.67 -34.88
CA PRO B 217 -17.86 24.63 -34.03
C PRO B 217 -19.24 24.25 -34.54
N THR B 218 -19.95 23.43 -33.75
CA THR B 218 -21.32 23.07 -34.09
C THR B 218 -22.14 23.21 -32.82
N LEU B 219 -21.52 22.87 -31.70
CA LEU B 219 -22.01 23.15 -30.35
C LEU B 219 -20.95 23.98 -29.63
N VAL B 220 -21.39 24.78 -28.66
CA VAL B 220 -20.48 25.63 -27.89
C VAL B 220 -20.76 25.44 -26.41
N LEU B 221 -19.71 25.18 -25.64
CA LEU B 221 -19.86 24.71 -24.27
C LEU B 221 -18.68 25.22 -23.45
N VAL B 222 -18.98 25.87 -22.33
CA VAL B 222 -17.97 26.34 -21.39
C VAL B 222 -18.15 25.59 -20.09
N GLU B 223 -17.05 25.34 -19.41
CA GLU B 223 -17.14 25.03 -17.99
C GLU B 223 -17.43 26.29 -17.18
N LYS B 224 -16.81 27.41 -17.56
CA LYS B 224 -16.82 28.59 -16.72
C LYS B 224 -18.09 29.42 -16.88
N THR B 225 -18.28 30.04 -18.04
CA THR B 225 -19.44 30.90 -18.29
C THR B 225 -19.41 31.42 -19.71
N VAL B 226 -20.44 32.17 -20.06
CA VAL B 226 -20.55 32.89 -21.31
C VAL B 226 -21.42 34.12 -21.07
N SER B 227 -21.29 35.11 -21.94
CA SER B 227 -22.28 36.17 -22.00
C SER B 227 -23.31 35.86 -23.07
N ARG B 228 -24.59 35.89 -22.70
CA ARG B 228 -25.64 35.51 -23.64
C ARG B 228 -25.54 36.33 -24.93
N ILE B 229 -24.80 37.42 -24.89
CA ILE B 229 -24.45 38.13 -26.12
C ILE B 229 -23.85 37.15 -27.11
N ALA B 230 -22.76 36.48 -26.73
CA ALA B 230 -22.16 35.48 -27.60
C ALA B 230 -23.14 34.37 -27.94
N GLN B 231 -24.00 34.00 -27.00
CA GLN B 231 -25.04 33.03 -27.30
C GLN B 231 -25.86 33.45 -28.51
N ASP B 232 -26.33 34.71 -28.52
CA ASP B 232 -26.98 35.25 -29.70
C ASP B 232 -26.06 35.23 -30.91
N MET B 233 -24.79 35.58 -30.70
CA MET B 233 -23.85 35.72 -31.80
C MET B 233 -23.69 34.41 -32.55
N LEU B 234 -23.89 33.28 -31.87
CA LEU B 234 -23.66 31.99 -32.52
C LEU B 234 -24.97 31.29 -32.85
N LEU B 235 -26.03 31.50 -32.07
CA LEU B 235 -27.31 30.96 -32.46
C LEU B 235 -27.82 31.63 -33.72
N GLU B 236 -27.44 32.90 -33.92
CA GLU B 236 -27.64 33.52 -35.21
C GLU B 236 -26.74 32.89 -36.27
N HIS B 237 -25.55 32.46 -35.85
CA HIS B 237 -24.71 31.61 -36.68
C HIS B 237 -25.15 30.16 -36.65
N GLY B 238 -25.95 29.78 -35.66
CA GLY B 238 -26.42 28.42 -35.54
C GLY B 238 -25.46 27.47 -34.85
N ILE B 239 -24.32 27.95 -34.36
CA ILE B 239 -23.45 27.12 -33.56
C ILE B 239 -24.17 26.96 -32.22
N THR B 240 -24.81 25.82 -32.00
CA THR B 240 -25.61 25.65 -30.80
C THR B 240 -24.73 25.65 -29.56
N LEU B 241 -25.37 25.68 -28.40
CA LEU B 241 -24.67 25.95 -27.14
C LEU B 241 -25.28 25.09 -26.05
N VAL B 242 -24.52 24.85 -24.98
CA VAL B 242 -25.02 24.18 -23.79
C VAL B 242 -24.50 24.93 -22.56
N ILE B 243 -25.13 24.70 -21.42
CA ILE B 243 -25.06 25.59 -20.27
C ILE B 243 -24.36 24.90 -19.11
N ASN B 244 -23.79 25.71 -18.22
CA ASN B 244 -23.19 25.22 -16.98
C ASN B 244 -22.51 23.88 -17.22
N VAL B 245 -21.74 23.83 -18.29
CA VAL B 245 -21.45 22.55 -18.93
C VAL B 245 -20.51 21.75 -18.07
N LYS B 246 -20.88 20.50 -17.83
CA LYS B 246 -20.14 19.62 -16.93
C LYS B 246 -18.71 19.41 -17.43
N SER B 247 -17.75 19.68 -16.57
CA SER B 247 -16.35 19.54 -16.95
C SER B 247 -15.95 18.09 -17.19
N GLN B 248 -16.61 17.16 -16.49
CA GLN B 248 -16.16 15.78 -16.57
C GLN B 248 -16.22 15.26 -18.00
N VAL B 249 -17.43 15.16 -18.55
CA VAL B 249 -17.54 14.67 -19.93
C VAL B 249 -16.91 15.66 -20.88
N LEU B 250 -16.74 16.92 -20.47
CA LEU B 250 -16.03 17.87 -21.32
C LEU B 250 -14.64 17.37 -21.62
N GLU B 251 -13.80 17.25 -20.59
CA GLU B 251 -12.48 16.67 -20.78
C GLU B 251 -12.59 15.28 -21.38
N ARG B 252 -13.50 14.47 -20.87
CA ARG B 252 -13.69 13.10 -21.36
C ARG B 252 -13.71 13.06 -22.88
N ILE B 253 -14.68 13.73 -23.48
CA ILE B 253 -14.95 13.51 -24.89
C ILE B 253 -14.06 14.41 -25.73
N SER B 254 -13.73 15.60 -25.25
CA SER B 254 -12.70 16.39 -25.90
C SER B 254 -11.46 15.54 -26.13
N ARG B 255 -11.11 14.70 -25.16
CA ARG B 255 -10.02 13.76 -25.38
C ARG B 255 -10.43 12.63 -26.30
N MET B 256 -11.65 12.12 -26.15
CA MET B 256 -12.18 11.22 -27.17
C MET B 256 -12.15 11.86 -28.55
N THR B 257 -12.22 13.18 -28.62
CA THR B 257 -12.13 13.90 -29.87
C THR B 257 -10.68 14.20 -30.21
N GLN B 258 -10.49 15.03 -31.24
CA GLN B 258 -9.22 15.72 -31.44
C GLN B 258 -9.27 17.12 -30.88
N GLY B 259 -10.43 17.52 -30.36
CA GLY B 259 -10.62 18.85 -29.83
C GLY B 259 -9.94 19.02 -28.49
N ASP B 260 -8.97 19.92 -28.46
CA ASP B 260 -8.30 20.33 -27.23
C ASP B 260 -9.14 21.37 -26.52
N LEU B 261 -8.55 22.08 -25.56
CA LEU B 261 -9.22 23.23 -24.95
C LEU B 261 -8.25 24.39 -24.82
N VAL B 262 -7.61 24.77 -25.92
CA VAL B 262 -6.62 25.84 -25.92
C VAL B 262 -7.16 27.00 -25.10
N MET B 263 -6.45 27.36 -24.04
CA MET B 263 -7.09 28.08 -22.96
C MET B 263 -6.97 29.59 -23.13
N SER B 264 -6.06 30.04 -23.99
CA SER B 264 -5.97 31.44 -24.41
C SER B 264 -5.88 31.41 -25.92
N MET B 265 -7.04 31.39 -26.57
CA MET B 265 -7.13 31.03 -27.97
C MET B 265 -6.44 32.04 -28.86
N ASP B 266 -6.02 33.16 -28.28
CA ASP B 266 -4.92 33.90 -28.88
C ASP B 266 -3.78 32.95 -29.17
N GLN B 267 -3.70 31.87 -28.40
CA GLN B 267 -2.88 30.72 -28.73
C GLN B 267 -3.27 30.09 -30.05
N LEU B 268 -4.50 29.56 -30.16
CA LEU B 268 -4.85 28.79 -31.33
C LEU B 268 -5.11 29.75 -32.49
N LEU B 269 -4.08 29.98 -33.29
CA LEU B 269 -4.29 30.62 -34.57
C LEU B 269 -4.83 29.62 -35.59
N THR B 270 -5.21 28.43 -35.13
CA THR B 270 -5.55 27.32 -36.04
C THR B 270 -6.49 26.36 -35.32
N LYS B 271 -6.67 25.18 -35.93
CA LYS B 271 -7.73 24.22 -35.63
C LYS B 271 -7.65 23.58 -34.26
N PRO B 272 -6.56 22.88 -33.92
CA PRO B 272 -6.67 21.73 -33.01
C PRO B 272 -7.16 22.08 -31.62
N HIS B 273 -8.35 22.64 -31.60
CA HIS B 273 -9.13 22.90 -30.39
C HIS B 273 -10.54 22.34 -30.64
N LEU B 274 -10.94 22.33 -31.90
CA LEU B 274 -12.25 21.84 -32.33
C LEU B 274 -12.40 20.37 -31.96
N GLY B 275 -13.49 20.02 -31.28
CA GLY B 275 -13.82 18.63 -31.10
C GLY B 275 -14.67 18.11 -32.25
N THR B 276 -15.19 16.91 -32.07
CA THR B 276 -16.03 16.26 -33.07
C THR B 276 -16.91 15.20 -32.42
N CYS B 277 -18.06 14.92 -33.03
CA CYS B 277 -18.77 13.68 -32.81
C CYS B 277 -19.73 13.48 -33.98
N HIS B 278 -20.65 12.54 -33.84
CA HIS B 278 -21.57 12.26 -34.94
C HIS B 278 -22.89 13.01 -34.85
N LYS B 279 -23.70 12.78 -33.82
CA LYS B 279 -25.02 13.40 -33.85
C LYS B 279 -25.70 13.45 -32.49
N PHE B 280 -26.34 14.59 -32.25
CA PHE B 280 -27.18 14.90 -31.10
C PHE B 280 -28.64 14.81 -31.52
N TYR B 281 -29.42 13.97 -30.82
CA TYR B 281 -30.78 13.66 -31.26
C TYR B 281 -31.65 13.40 -30.04
N MET B 282 -32.79 14.08 -29.94
CA MET B 282 -33.65 13.91 -28.78
C MET B 282 -34.59 12.72 -28.94
N GLN B 283 -35.25 12.33 -27.85
CA GLN B 283 -36.42 11.47 -27.93
C GLN B 283 -37.36 11.83 -26.78
N ILE B 284 -38.66 11.74 -27.05
CA ILE B 284 -39.69 12.30 -26.16
C ILE B 284 -40.48 11.16 -25.53
N PHE B 285 -40.98 11.40 -24.32
CA PHE B 285 -41.94 10.49 -23.70
C PHE B 285 -43.25 11.24 -23.45
N GLN B 286 -44.35 10.49 -23.30
CA GLN B 286 -45.66 11.11 -23.25
C GLN B 286 -46.61 10.32 -22.36
N LEU B 287 -46.69 10.72 -21.07
CA LEU B 287 -47.70 10.22 -20.14
C LEU B 287 -47.61 10.95 -18.80
N PRO B 288 -48.53 10.73 -17.86
CA PRO B 288 -48.42 11.39 -16.55
C PRO B 288 -47.24 10.86 -15.75
N ASN B 289 -47.12 11.31 -14.50
CA ASN B 289 -46.12 10.73 -13.62
C ASN B 289 -44.72 10.97 -14.20
N GLU B 290 -44.17 12.17 -13.96
CA GLU B 290 -43.32 12.90 -14.90
C GLU B 290 -42.07 12.17 -15.39
N GLN B 291 -41.98 10.86 -15.16
CA GLN B 291 -41.04 10.05 -15.94
C GLN B 291 -41.08 10.41 -17.43
N THR B 292 -42.18 10.96 -17.91
CA THR B 292 -42.39 11.22 -19.33
C THR B 292 -41.55 12.37 -19.82
N LYS B 293 -40.22 12.20 -19.80
CA LYS B 293 -39.31 13.30 -20.05
C LYS B 293 -38.79 13.19 -21.47
N THR B 294 -37.93 14.14 -21.83
CA THR B 294 -37.26 14.11 -23.11
C THR B 294 -35.76 14.09 -22.88
N LEU B 295 -35.08 13.18 -23.56
CA LEU B 295 -33.68 12.93 -23.28
C LEU B 295 -32.91 12.81 -24.58
N MET B 296 -31.66 13.25 -24.53
CA MET B 296 -30.89 13.50 -25.75
C MET B 296 -29.83 12.42 -25.93
N PHE B 297 -30.06 11.56 -26.92
CA PHE B 297 -29.01 10.79 -27.57
C PHE B 297 -27.88 11.72 -27.95
N PHE B 298 -26.66 11.25 -27.80
CA PHE B 298 -25.45 11.98 -28.17
C PHE B 298 -24.50 10.87 -28.62
N GLU B 299 -24.54 10.52 -29.90
CA GLU B 299 -23.98 9.27 -30.35
C GLU B 299 -22.91 9.53 -31.40
N GLY B 300 -22.08 8.51 -31.61
CA GLY B 300 -20.95 8.64 -32.49
C GLY B 300 -19.86 9.53 -31.93
N CYS B 301 -19.71 9.55 -30.61
CA CYS B 301 -18.60 10.26 -30.02
C CYS B 301 -17.30 9.71 -30.62
N PRO B 302 -16.31 10.56 -30.85
CA PRO B 302 -15.13 10.15 -31.64
C PRO B 302 -14.36 8.99 -31.07
N GLN B 303 -14.75 8.45 -29.92
CA GLN B 303 -14.22 7.19 -29.41
C GLN B 303 -15.36 6.21 -29.21
N HIS B 304 -15.17 5.00 -29.73
CA HIS B 304 -16.18 3.95 -29.64
C HIS B 304 -16.09 3.15 -28.36
N LEU B 305 -15.06 3.38 -27.55
CA LEU B 305 -14.91 2.66 -26.28
C LEU B 305 -15.85 3.27 -25.24
N GLY B 306 -17.15 3.25 -25.52
CA GLY B 306 -18.14 3.83 -24.62
C GLY B 306 -19.56 3.59 -25.09
N CYS B 307 -20.45 3.20 -24.17
CA CYS B 307 -21.83 2.91 -24.51
C CYS B 307 -22.71 3.20 -23.30
N THR B 308 -24.02 3.11 -23.52
CA THR B 308 -25.00 3.28 -22.46
C THR B 308 -26.38 3.01 -23.03
N ILE B 309 -27.32 2.66 -22.15
CA ILE B 309 -28.53 1.93 -22.54
C ILE B 309 -29.74 2.63 -21.96
N LYS B 310 -30.84 2.61 -22.72
CA LYS B 310 -32.18 2.80 -22.19
C LYS B 310 -32.52 1.56 -21.38
N LEU B 311 -32.77 1.76 -20.10
CA LEU B 311 -33.28 0.69 -19.26
C LEU B 311 -34.53 1.17 -18.53
N ARG B 312 -35.33 0.23 -18.04
CA ARG B 312 -36.58 0.58 -17.38
C ARG B 312 -36.81 -0.27 -16.14
N GLY B 313 -37.88 0.06 -15.42
CA GLY B 313 -38.32 -0.72 -14.28
C GLY B 313 -39.45 -0.10 -13.49
N GLY B 314 -40.36 -0.94 -12.99
CA GLY B 314 -41.55 -0.45 -12.30
C GLY B 314 -41.48 -0.54 -10.79
N SER B 315 -40.28 -0.37 -10.22
CA SER B 315 -40.12 -0.43 -8.77
C SER B 315 -38.81 0.24 -8.38
N ASP B 316 -38.40 0.04 -7.13
CA ASP B 316 -37.14 0.61 -6.67
C ASP B 316 -36.15 -0.47 -6.25
N TYR B 317 -36.59 -1.37 -5.37
CA TYR B 317 -35.64 -2.25 -4.70
C TYR B 317 -35.11 -3.34 -5.63
N GLU B 318 -35.98 -3.97 -6.42
CA GLU B 318 -35.48 -4.93 -7.39
C GLU B 318 -34.69 -4.24 -8.49
N LEU B 319 -34.98 -2.98 -8.76
CA LEU B 319 -34.18 -2.24 -9.74
C LEU B 319 -32.76 -2.04 -9.26
N ALA B 320 -32.58 -1.60 -8.01
CA ALA B 320 -31.23 -1.46 -7.48
C ALA B 320 -30.59 -2.83 -7.27
N ARG B 321 -31.41 -3.86 -7.11
CA ARG B 321 -30.87 -5.22 -7.03
C ARG B 321 -30.34 -5.69 -8.39
N VAL B 322 -31.00 -5.27 -9.46
CA VAL B 322 -30.42 -5.50 -10.79
C VAL B 322 -29.16 -4.66 -10.94
N LYS B 323 -29.15 -3.45 -10.40
CA LYS B 323 -27.89 -2.72 -10.32
C LYS B 323 -26.82 -3.56 -9.65
N GLU B 324 -27.21 -4.32 -8.63
CA GLU B 324 -26.24 -5.19 -7.96
C GLU B 324 -25.71 -6.26 -8.91
N ILE B 325 -26.58 -6.86 -9.72
CA ILE B 325 -26.08 -7.82 -10.71
C ILE B 325 -25.12 -7.11 -11.66
N LEU B 326 -25.44 -5.85 -11.98
CA LEU B 326 -24.65 -5.09 -12.94
C LEU B 326 -23.26 -4.81 -12.39
N ILE B 327 -23.15 -4.64 -11.08
CA ILE B 327 -21.81 -4.39 -10.52
C ILE B 327 -21.10 -5.70 -10.23
N PHE B 328 -21.84 -6.79 -10.00
CA PHE B 328 -21.21 -8.11 -10.09
C PHE B 328 -20.52 -8.24 -11.44
N MET B 329 -21.19 -7.74 -12.48
CA MET B 329 -20.61 -7.78 -13.82
C MET B 329 -19.46 -6.79 -13.95
N ILE B 330 -19.56 -5.61 -13.34
CA ILE B 330 -18.42 -4.71 -13.21
C ILE B 330 -17.19 -5.50 -12.77
N CYS B 331 -17.34 -6.21 -11.66
CA CYS B 331 -16.20 -6.85 -11.02
C CYS B 331 -15.67 -7.99 -11.86
N VAL B 332 -16.55 -8.90 -12.31
CA VAL B 332 -16.07 -10.01 -13.13
C VAL B 332 -15.44 -9.47 -14.40
N ALA B 333 -15.95 -8.36 -14.93
CA ALA B 333 -15.40 -7.80 -16.14
C ALA B 333 -13.94 -7.42 -15.94
N TYR B 334 -13.66 -6.53 -14.99
CA TYR B 334 -12.27 -6.08 -14.89
C TYR B 334 -11.37 -7.18 -14.32
N HIS B 335 -11.94 -8.10 -13.56
CA HIS B 335 -11.19 -9.27 -13.11
C HIS B 335 -10.73 -10.10 -14.30
N SER B 336 -11.69 -10.56 -15.12
CA SER B 336 -11.37 -11.23 -16.37
C SER B 336 -10.47 -10.39 -17.25
N GLN B 337 -10.46 -9.07 -17.03
CA GLN B 337 -9.75 -8.16 -17.91
C GLN B 337 -8.27 -8.07 -17.62
N LEU B 338 -7.86 -8.04 -16.35
CA LEU B 338 -6.43 -7.97 -16.07
C LEU B 338 -5.63 -8.99 -16.89
N GLU B 339 -6.26 -10.09 -17.29
CA GLU B 339 -5.78 -10.92 -18.39
C GLU B 339 -6.62 -10.58 -19.61
N ILE B 340 -5.99 -10.40 -20.75
CA ILE B 340 -6.70 -9.93 -21.93
C ILE B 340 -7.76 -10.94 -22.34
N SER B 341 -8.62 -14.49 -19.79
CA SER B 341 -9.02 -14.09 -18.44
C SER B 341 -8.19 -14.83 -17.39
N PHE B 342 -7.38 -15.79 -17.83
CA PHE B 342 -6.51 -16.54 -16.94
C PHE B 342 -5.19 -16.86 -17.62
N LEU B 343 -4.39 -17.75 -17.03
CA LEU B 343 -3.16 -18.23 -17.63
C LEU B 343 -2.95 -19.67 -17.20
N MET B 344 -2.37 -20.50 -18.07
CA MET B 344 -2.29 -21.93 -17.81
C MET B 344 -1.44 -22.17 -16.58
N ASP B 345 -2.05 -22.76 -15.55
CA ASP B 345 -1.41 -22.86 -14.26
C ASP B 345 -0.65 -24.17 -14.13
N GLU B 346 0.03 -24.36 -12.99
CA GLU B 346 1.05 -25.40 -12.83
C GLU B 346 2.28 -25.11 -13.68
N PHE B 347 2.68 -23.84 -13.73
CA PHE B 347 3.83 -23.39 -14.49
C PHE B 347 3.87 -24.04 -15.88
N ALA B 348 2.79 -23.79 -16.64
CA ALA B 348 2.77 -24.18 -18.05
C ALA B 348 2.64 -23.02 -19.00
N MET B 349 1.73 -22.08 -18.76
CA MET B 349 1.82 -20.80 -19.45
C MET B 349 2.94 -19.96 -18.87
N PRO B 350 3.12 -19.88 -17.54
CA PRO B 350 4.07 -18.93 -16.96
C PRO B 350 5.49 -19.10 -17.44
N PRO B 351 5.96 -20.31 -17.82
CA PRO B 351 7.32 -20.38 -18.35
C PRO B 351 7.44 -19.47 -19.57
N THR B 352 6.62 -19.77 -20.57
CA THR B 352 6.62 -18.97 -21.79
C THR B 352 6.13 -17.55 -21.51
N LEU B 353 5.51 -17.32 -20.35
CA LEU B 353 5.10 -15.96 -20.01
C LEU B 353 6.25 -15.10 -19.52
N MET B 354 6.89 -15.47 -18.41
CA MET B 354 8.10 -14.80 -17.97
C MET B 354 9.06 -14.70 -19.15
N GLN B 355 8.98 -15.68 -20.05
CA GLN B 355 9.91 -15.70 -21.18
C GLN B 355 9.36 -14.97 -22.38
N ASN B 356 8.14 -14.44 -22.31
CA ASN B 356 7.62 -13.64 -23.41
C ASN B 356 8.66 -12.59 -23.74
N PRO B 357 9.09 -11.77 -22.77
CA PRO B 357 10.30 -10.98 -23.01
C PRO B 357 11.40 -11.85 -23.58
N SER B 358 11.67 -12.98 -22.94
CA SER B 358 12.83 -13.79 -23.34
C SER B 358 12.77 -14.15 -24.82
N PHE B 359 11.79 -14.95 -25.21
CA PHE B 359 11.77 -15.44 -26.59
C PHE B 359 11.39 -14.36 -27.60
N HIS B 360 10.47 -13.47 -27.27
CA HIS B 360 10.17 -12.36 -28.17
C HIS B 360 11.42 -11.54 -28.46
N SER B 361 12.03 -10.97 -27.43
CA SER B 361 13.19 -10.10 -27.63
C SER B 361 14.46 -10.91 -27.91
N LEU B 362 14.35 -12.24 -28.04
CA LEU B 362 15.48 -13.03 -28.52
C LEU B 362 15.32 -13.36 -29.99
N ILE B 363 14.23 -14.05 -30.34
CA ILE B 363 13.95 -14.36 -31.74
C ILE B 363 13.95 -13.08 -32.57
N GLU B 364 13.37 -12.01 -32.03
CA GLU B 364 13.36 -10.75 -32.77
C GLU B 364 14.75 -10.15 -32.84
N GLY B 365 15.31 -9.77 -31.70
CA GLY B 365 16.70 -9.36 -31.60
C GLY B 365 17.22 -8.31 -32.56
N ARG B 366 16.70 -7.08 -32.60
CA ARG B 366 15.47 -6.58 -31.96
C ARG B 366 15.14 -7.15 -30.59
N GLY B 367 16.08 -6.99 -29.66
CA GLY B 367 15.93 -7.56 -28.34
C GLY B 367 16.04 -6.55 -27.21
N HIS B 368 16.59 -5.39 -27.52
CA HIS B 368 16.88 -4.40 -26.50
C HIS B 368 15.64 -3.97 -25.73
N GLU B 369 14.44 -4.29 -26.24
CA GLU B 369 13.24 -3.88 -25.53
C GLU B 369 13.36 -4.15 -24.05
N GLY B 370 13.91 -5.32 -23.68
CA GLY B 370 14.45 -5.49 -22.37
C GLY B 370 15.72 -4.72 -22.15
N ALA B 371 16.85 -5.18 -22.70
CA ALA B 371 18.08 -4.39 -22.79
C ALA B 371 19.24 -5.28 -23.24
N VAL B 372 20.35 -4.68 -23.68
CA VAL B 372 21.60 -5.43 -23.74
C VAL B 372 22.07 -5.76 -22.34
N GLN B 373 21.65 -4.97 -21.36
CA GLN B 373 21.84 -5.39 -19.97
C GLN B 373 20.81 -6.46 -19.63
N GLU B 374 19.65 -6.42 -20.27
CA GLU B 374 18.78 -7.58 -20.21
C GLU B 374 19.44 -8.75 -20.93
N GLN B 375 20.51 -8.48 -21.67
CA GLN B 375 21.45 -9.54 -22.03
C GLN B 375 22.44 -9.76 -20.90
N TYR B 376 23.11 -8.69 -20.44
CA TYR B 376 24.08 -8.85 -19.36
C TYR B 376 23.40 -8.87 -18.00
N GLY B 377 22.85 -7.73 -17.59
CA GLY B 377 22.13 -7.68 -16.33
C GLY B 377 20.88 -8.53 -16.37
N GLY B 378 20.45 -8.90 -17.57
CA GLY B 378 19.31 -9.76 -17.72
C GLY B 378 19.57 -11.18 -17.35
N GLY B 379 20.83 -11.51 -17.05
CA GLY B 379 21.09 -12.77 -16.41
C GLY B 379 20.89 -12.69 -14.91
N SER B 380 21.06 -11.50 -14.34
CA SER B 380 20.97 -11.38 -12.89
C SER B 380 19.54 -11.20 -12.41
N ILE B 381 18.93 -10.05 -12.70
CA ILE B 381 17.69 -9.69 -12.01
C ILE B 381 16.42 -10.17 -12.69
N PRO B 382 16.26 -10.11 -14.04
CA PRO B 382 14.98 -10.52 -14.61
C PRO B 382 14.74 -11.98 -14.31
N TRP B 383 15.82 -12.62 -13.84
CA TRP B 383 15.72 -13.88 -13.13
C TRP B 383 14.65 -13.80 -12.05
N ASP B 384 14.36 -12.60 -11.56
CA ASP B 384 13.23 -12.42 -10.66
C ASP B 384 11.91 -12.71 -11.36
N PRO B 385 11.63 -12.13 -12.54
CA PRO B 385 10.55 -12.65 -13.39
C PRO B 385 10.65 -14.14 -13.65
N ASP B 386 11.85 -14.69 -13.47
CA ASP B 386 12.10 -16.11 -13.66
C ASP B 386 11.82 -16.91 -12.39
N ILE B 387 11.12 -16.33 -11.42
CA ILE B 387 10.73 -17.04 -10.20
C ILE B 387 9.72 -18.14 -10.48
N PRO B 388 8.74 -17.99 -11.39
CA PRO B 388 7.74 -19.05 -11.56
C PRO B 388 8.38 -20.42 -11.65
N PRO B 389 9.34 -20.62 -12.55
CA PRO B 389 10.01 -21.93 -12.57
C PRO B 389 10.72 -22.21 -11.27
N GLU B 390 11.55 -21.27 -10.81
CA GLU B 390 12.24 -21.43 -9.54
C GLU B 390 11.25 -21.76 -8.43
N SER B 391 9.96 -21.52 -8.66
CA SER B 391 8.95 -22.02 -7.74
C SER B 391 8.62 -23.48 -8.00
N LEU B 392 8.01 -23.75 -9.15
CA LEU B 392 7.39 -25.06 -9.37
C LEU B 392 8.38 -26.14 -9.82
N PRO B 393 9.06 -25.97 -10.97
CA PRO B 393 9.93 -27.04 -11.47
C PRO B 393 10.93 -27.58 -10.47
N CYS B 394 11.78 -26.72 -9.93
CA CYS B 394 12.86 -27.19 -9.08
C CYS B 394 12.36 -28.09 -7.97
N ASP B 395 11.06 -28.04 -7.69
CA ASP B 395 10.40 -29.03 -6.85
C ASP B 395 10.37 -30.40 -7.50
N ASP B 396 10.08 -30.48 -8.80
CA ASP B 396 9.96 -31.76 -9.47
C ASP B 396 10.99 -31.94 -10.59
N SER B 397 11.03 -31.02 -11.56
CA SER B 397 11.61 -31.39 -12.85
C SER B 397 12.90 -30.66 -13.26
N SER B 398 12.86 -29.34 -13.37
CA SER B 398 13.82 -28.66 -14.23
C SER B 398 14.05 -27.21 -13.79
N LEU B 399 15.28 -26.89 -13.41
CA LEU B 399 15.56 -25.55 -12.90
C LEU B 399 15.79 -24.54 -14.01
N LEU B 400 16.94 -24.56 -14.71
CA LEU B 400 17.12 -23.64 -15.83
C LEU B 400 16.60 -24.23 -17.13
N GLU B 401 16.23 -25.52 -17.11
CA GLU B 401 16.19 -26.29 -18.33
C GLU B 401 14.91 -26.02 -19.10
N LEU B 402 13.75 -26.24 -18.49
CA LEU B 402 12.51 -25.88 -19.18
C LEU B 402 12.46 -24.38 -19.42
N ARG B 403 13.02 -23.59 -18.49
CA ARG B 403 13.11 -22.15 -18.71
C ARG B 403 13.69 -21.84 -20.08
N ILE B 404 14.92 -22.28 -20.33
CA ILE B 404 15.57 -21.92 -21.58
C ILE B 404 14.91 -22.62 -22.76
N VAL B 405 14.64 -23.92 -22.64
CA VAL B 405 14.19 -24.69 -23.79
C VAL B 405 12.72 -24.39 -24.09
N PHE B 406 12.07 -23.60 -23.24
CA PHE B 406 10.68 -23.24 -23.49
C PHE B 406 10.54 -21.76 -23.81
N GLU B 407 11.55 -20.95 -23.45
CA GLU B 407 11.77 -19.71 -24.16
C GLU B 407 12.38 -19.97 -25.53
N LYS B 408 12.63 -21.24 -25.86
CA LYS B 408 12.93 -21.60 -27.24
C LYS B 408 11.73 -21.49 -28.16
N GLY B 409 10.50 -21.68 -27.66
CA GLY B 409 9.32 -21.38 -28.46
C GLY B 409 8.55 -22.53 -29.06
N GLU B 410 8.26 -23.58 -28.28
CA GLU B 410 7.42 -24.67 -28.77
C GLU B 410 6.00 -24.20 -29.09
N GLN B 411 5.45 -23.30 -28.26
CA GLN B 411 4.12 -22.74 -28.41
C GLN B 411 3.03 -23.73 -28.00
N GLU B 412 3.42 -24.93 -27.58
CA GLU B 412 2.46 -25.90 -27.04
C GLU B 412 2.72 -26.06 -25.55
N ASN B 413 2.02 -25.27 -24.73
CA ASN B 413 2.43 -25.04 -23.36
C ASN B 413 1.76 -25.96 -22.34
N LYS B 414 1.94 -27.28 -22.48
CA LYS B 414 1.86 -28.15 -21.33
C LYS B 414 3.20 -28.11 -20.62
N ASN B 415 3.23 -28.47 -19.33
CA ASN B 415 4.50 -28.38 -18.60
C ASN B 415 4.48 -29.30 -17.39
N LEU B 416 5.56 -29.22 -16.62
CA LEU B 416 5.99 -30.25 -15.69
C LEU B 416 4.90 -30.72 -14.73
N PRO B 417 4.82 -32.02 -14.46
CA PRO B 417 3.76 -32.56 -13.61
C PRO B 417 4.14 -32.70 -12.13
N GLN B 418 4.30 -31.59 -11.41
CA GLN B 418 4.63 -31.64 -9.99
C GLN B 418 3.88 -32.75 -9.28
N ALA B 419 2.55 -32.79 -9.44
CA ALA B 419 1.71 -33.63 -8.62
C ALA B 419 1.01 -34.74 -9.39
N VAL B 420 1.33 -34.95 -10.66
CA VAL B 420 0.71 -36.01 -11.45
C VAL B 420 1.76 -36.93 -12.07
N ALA B 421 2.95 -36.40 -12.32
CA ALA B 421 4.02 -37.07 -13.05
C ALA B 421 3.71 -37.20 -14.54
N SER B 422 2.49 -36.90 -14.98
CA SER B 422 2.17 -37.07 -16.39
C SER B 422 1.66 -35.80 -17.10
N VAL B 423 0.46 -35.33 -16.72
CA VAL B 423 -0.17 -34.20 -17.40
C VAL B 423 -1.26 -33.64 -16.48
N LYS B 424 -1.25 -32.33 -16.31
CA LYS B 424 -2.30 -31.62 -15.57
C LYS B 424 -1.96 -30.13 -15.59
N HIS B 425 -2.89 -29.30 -15.08
CA HIS B 425 -2.64 -27.90 -14.79
C HIS B 425 -3.51 -27.51 -13.61
N GLN B 426 -3.02 -26.57 -12.79
CA GLN B 426 -3.78 -26.20 -11.60
C GLN B 426 -5.18 -25.74 -11.96
N GLU B 427 -5.38 -25.30 -13.20
CA GLU B 427 -6.68 -24.78 -13.61
C GLU B 427 -7.80 -25.71 -13.17
N HIS B 428 -7.78 -26.94 -13.65
CA HIS B 428 -8.75 -27.92 -13.20
C HIS B 428 -8.48 -28.36 -11.76
N SER B 429 -7.22 -28.28 -11.31
CA SER B 429 -6.94 -28.52 -9.90
C SER B 429 -7.43 -27.39 -9.03
N THR B 430 -7.96 -26.32 -9.64
CA THR B 430 -8.57 -25.20 -8.93
C THR B 430 -7.66 -24.71 -7.80
N THR B 431 -6.40 -24.46 -8.17
CA THR B 431 -5.36 -24.08 -7.21
C THR B 431 -4.44 -23.04 -7.85
N ALA B 432 -4.84 -21.76 -7.78
CA ALA B 432 -4.06 -20.67 -8.37
C ALA B 432 -4.63 -19.34 -7.87
N CYS B 433 -3.76 -18.45 -7.41
CA CYS B 433 -4.19 -17.16 -6.88
C CYS B 433 -4.99 -16.39 -7.93
N PRO B 434 -6.23 -15.97 -7.64
CA PRO B 434 -6.95 -15.13 -8.59
C PRO B 434 -6.22 -13.82 -8.85
N ALA B 435 -6.81 -12.97 -9.70
CA ALA B 435 -6.05 -12.00 -10.49
C ALA B 435 -6.12 -10.57 -9.99
N GLY B 436 -6.08 -10.35 -8.68
CA GLY B 436 -5.76 -9.03 -8.18
C GLY B 436 -4.25 -8.83 -8.18
N LEU B 437 -3.54 -9.96 -8.25
CA LEU B 437 -2.09 -10.06 -8.15
C LEU B 437 -1.34 -9.39 -9.31
N PRO B 438 -1.89 -9.33 -10.52
CA PRO B 438 -1.11 -8.77 -11.64
C PRO B 438 -0.57 -7.37 -11.39
N CYS B 439 -1.46 -6.42 -11.08
CA CYS B 439 -1.00 -5.04 -10.89
C CYS B 439 0.13 -4.97 -9.89
N ALA B 440 0.36 -6.04 -9.14
CA ALA B 440 1.46 -6.13 -8.19
C ALA B 440 2.79 -5.72 -8.80
N PHE B 441 2.94 -5.69 -10.13
CA PHE B 441 4.24 -5.31 -10.66
C PHE B 441 4.29 -3.91 -11.26
N PHE B 442 3.15 -3.25 -11.45
CA PHE B 442 3.24 -1.95 -12.12
C PHE B 442 3.30 -0.76 -11.18
N ALA B 443 2.85 -0.92 -9.94
CA ALA B 443 2.97 0.11 -8.93
C ALA B 443 4.39 0.34 -8.40
N PRO B 444 5.26 -0.68 -8.34
CA PRO B 444 6.48 -0.51 -7.53
C PRO B 444 7.37 0.67 -7.91
N VAL B 445 7.83 0.73 -9.16
CA VAL B 445 8.92 1.64 -9.51
C VAL B 445 8.56 3.12 -9.34
N PRO B 446 7.34 3.57 -9.68
CA PRO B 446 7.04 4.99 -9.44
C PRO B 446 7.28 5.40 -8.00
N GLU B 447 6.86 4.60 -7.03
CA GLU B 447 7.08 4.87 -5.63
C GLU B 447 8.48 4.47 -5.16
N SER B 448 9.20 3.67 -5.96
CA SER B 448 10.47 3.12 -5.52
C SER B 448 11.66 3.96 -5.95
N LEU B 449 11.52 4.73 -7.03
CA LEU B 449 12.65 5.49 -7.54
C LEU B 449 13.01 6.70 -6.70
N LEU B 450 12.07 7.26 -5.92
CA LEU B 450 12.38 8.41 -5.08
C LEU B 450 13.04 8.02 -3.76
N PRO B 451 12.52 7.02 -3.02
CA PRO B 451 13.06 6.74 -1.68
C PRO B 451 14.53 6.34 -1.68
N LEU B 452 15.11 6.23 -2.86
CA LEU B 452 16.53 5.95 -3.02
C LEU B 452 17.21 7.12 -3.73
N PRO B 453 17.17 8.33 -3.14
CA PRO B 453 17.61 9.56 -3.80
C PRO B 453 19.11 9.61 -4.08
#